data_2F60
# 
_entry.id   2F60 
# 
_audit_conform.dict_name       mmcif_pdbx.dic 
_audit_conform.dict_version    5.376 
_audit_conform.dict_location   http://mmcif.pdb.org/dictionaries/ascii/mmcif_pdbx.dic 
# 
loop_
_database_2.database_id 
_database_2.database_code 
_database_2.pdbx_database_accession 
_database_2.pdbx_DOI 
PDB   2F60         pdb_00002f60 10.2210/pdb2f60/pdb 
RCSB  RCSB035493   ?            ?                   
WWPDB D_1000035493 ?            ?                   
# 
_pdbx_database_related.db_name        PDB 
_pdbx_database_related.db_id          2F5Z 
_pdbx_database_related.details        
'Crystal structure of dihydrolipoamide dehydrogenase (E3) and E3-binding protein of human pyruvate dehydrogenase complex' 
_pdbx_database_related.content_type   unspecified 
# 
_pdbx_database_status.status_code                     REL 
_pdbx_database_status.entry_id                        2F60 
_pdbx_database_status.recvd_initial_deposition_date   2005-11-28 
_pdbx_database_status.deposit_site                    RCSB 
_pdbx_database_status.process_site                    RCSB 
_pdbx_database_status.status_code_sf                  REL 
_pdbx_database_status.status_code_mr                  ? 
_pdbx_database_status.SG_entry                        ? 
_pdbx_database_status.pdb_format_compatible           Y 
_pdbx_database_status.status_code_cs                  ? 
_pdbx_database_status.status_code_nmr_data            ? 
_pdbx_database_status.methods_development_category    ? 
# 
loop_
_audit_author.name 
_audit_author.pdbx_ordinal 
'Brautigam, C.A.' 1 
'Chuang, J.L.'    2 
'Wynn, R.M.'      3 
'Tomchick, D.R.'  4 
'Machius, M.'     5 
'Chuang, D.T.'    6 
# 
_citation.id                        primary 
_citation.title                     
;Structural Insight into Interactions between Dihydrolipoamide Dehydrogenase (E3) and E3 Binding Protein of Human Pyruvate Dehydrogenase Complex.
;
_citation.journal_abbrev            Structure 
_citation.journal_volume            14 
_citation.page_first                611 
_citation.page_last                 621 
_citation.year                      2006 
_citation.journal_id_ASTM           STRUE6 
_citation.country                   UK 
_citation.journal_id_ISSN           0969-2126 
_citation.journal_id_CSD            2005 
_citation.book_publisher            ? 
_citation.pdbx_database_id_PubMed   16442803 
_citation.pdbx_database_id_DOI      10.1016/j.str.2006.01.001 
# 
loop_
_citation_author.citation_id 
_citation_author.name 
_citation_author.ordinal 
_citation_author.identifier_ORCID 
primary 'Brautigam, C.A.' 1 ? 
primary 'Wynn, R.M.'      2 ? 
primary 'Chuang, J.L.'    3 ? 
primary 'Machius, M.'     4 ? 
primary 'Tomchick, D.R.'  5 ? 
primary 'Chuang, D.T.'    6 ? 
# 
_cell.entry_id           2F60 
_cell.length_a           36.845 
_cell.length_b           36.845 
_cell.length_c           191.542 
_cell.angle_alpha        90.00 
_cell.angle_beta         90.00 
_cell.angle_gamma        120.00 
_cell.Z_PDB              12 
_cell.pdbx_unique_axis   ? 
_cell.length_a_esd       ? 
_cell.length_b_esd       ? 
_cell.length_c_esd       ? 
_cell.angle_alpha_esd    ? 
_cell.angle_beta_esd     ? 
_cell.angle_gamma_esd    ? 
# 
_symmetry.entry_id                         2F60 
_symmetry.space_group_name_H-M             'P 65 2 2' 
_symmetry.pdbx_full_space_group_name_H-M   ? 
_symmetry.cell_setting                     ? 
_symmetry.Int_Tables_number                179 
_symmetry.space_group_name_Hall            ? 
# 
loop_
_entity.id 
_entity.type 
_entity.src_method 
_entity.pdbx_description 
_entity.formula_weight 
_entity.pdbx_number_of_molecules 
_entity.pdbx_ec 
_entity.pdbx_mutation 
_entity.pdbx_fragment 
_entity.details 
1 polymer     man 'Pyruvate dehydrogenase protein X component' 7150.151 1  ? 'K120G, T176L' 'E3-binding domain, residues 173-230' 
? 
2 non-polymer syn GLYCEROL                                     92.094   2  ? ?              ?                                     
? 
3 water       nat water                                        18.015   63 ? ?              ?                                     
? 
# 
_entity_name_com.entity_id   1 
_entity_name_com.name        
;Dihydrolipoamide dehydrogenase-binding protein of pyruvate dehydrogenase complex, Lipoyl-containing pyruvate dehydrogenase complex component X, E3-binding protein, E3BP, proX
;
# 
_entity_poly.entity_id                      1 
_entity_poly.type                           'polypeptide(L)' 
_entity_poly.nstd_linkage                   no 
_entity_poly.nstd_monomer                   no 
_entity_poly.pdbx_seq_one_letter_code       GEHIPGTLRFRLSPAARNILEKHSLDASQGTATGPRGIFTKEDALKLVQLKQTGKILEHHHHHH 
_entity_poly.pdbx_seq_one_letter_code_can   GEHIPGTLRFRLSPAARNILEKHSLDASQGTATGPRGIFTKEDALKLVQLKQTGKILEHHHHHH 
_entity_poly.pdbx_strand_id                 K 
_entity_poly.pdbx_target_identifier         ? 
# 
loop_
_entity_poly_seq.entity_id 
_entity_poly_seq.num 
_entity_poly_seq.mon_id 
_entity_poly_seq.hetero 
1 1  GLY n 
1 2  GLU n 
1 3  HIS n 
1 4  ILE n 
1 5  PRO n 
1 6  GLY n 
1 7  THR n 
1 8  LEU n 
1 9  ARG n 
1 10 PHE n 
1 11 ARG n 
1 12 LEU n 
1 13 SER n 
1 14 PRO n 
1 15 ALA n 
1 16 ALA n 
1 17 ARG n 
1 18 ASN n 
1 19 ILE n 
1 20 LEU n 
1 21 GLU n 
1 22 LYS n 
1 23 HIS n 
1 24 SER n 
1 25 LEU n 
1 26 ASP n 
1 27 ALA n 
1 28 SER n 
1 29 GLN n 
1 30 GLY n 
1 31 THR n 
1 32 ALA n 
1 33 THR n 
1 34 GLY n 
1 35 PRO n 
1 36 ARG n 
1 37 GLY n 
1 38 ILE n 
1 39 PHE n 
1 40 THR n 
1 41 LYS n 
1 42 GLU n 
1 43 ASP n 
1 44 ALA n 
1 45 LEU n 
1 46 LYS n 
1 47 LEU n 
1 48 VAL n 
1 49 GLN n 
1 50 LEU n 
1 51 LYS n 
1 52 GLN n 
1 53 THR n 
1 54 GLY n 
1 55 LYS n 
1 56 ILE n 
1 57 LEU n 
1 58 GLU n 
1 59 HIS n 
1 60 HIS n 
1 61 HIS n 
1 62 HIS n 
1 63 HIS n 
1 64 HIS n 
# 
_entity_src_gen.entity_id                          1 
_entity_src_gen.pdbx_src_id                        1 
_entity_src_gen.pdbx_alt_source_flag               sample 
_entity_src_gen.pdbx_seq_type                      ? 
_entity_src_gen.pdbx_beg_seq_num                   ? 
_entity_src_gen.pdbx_end_seq_num                   ? 
_entity_src_gen.gene_src_common_name               human 
_entity_src_gen.gene_src_genus                     Homo 
_entity_src_gen.pdbx_gene_src_gene                 'PDHX, PDX1' 
_entity_src_gen.gene_src_species                   ? 
_entity_src_gen.gene_src_strain                    ? 
_entity_src_gen.gene_src_tissue                    ? 
_entity_src_gen.gene_src_tissue_fraction           ? 
_entity_src_gen.gene_src_details                   ? 
_entity_src_gen.pdbx_gene_src_fragment             ? 
_entity_src_gen.pdbx_gene_src_scientific_name      'Homo sapiens' 
_entity_src_gen.pdbx_gene_src_ncbi_taxonomy_id     9606 
_entity_src_gen.pdbx_gene_src_variant              ? 
_entity_src_gen.pdbx_gene_src_cell_line            ? 
_entity_src_gen.pdbx_gene_src_atcc                 ? 
_entity_src_gen.pdbx_gene_src_organ                ? 
_entity_src_gen.pdbx_gene_src_organelle            ? 
_entity_src_gen.pdbx_gene_src_cell                 ? 
_entity_src_gen.pdbx_gene_src_cellular_location    ? 
_entity_src_gen.host_org_common_name               ? 
_entity_src_gen.pdbx_host_org_scientific_name      'Escherichia coli BL21' 
_entity_src_gen.pdbx_host_org_ncbi_taxonomy_id     511693 
_entity_src_gen.host_org_genus                     Escherichia 
_entity_src_gen.pdbx_host_org_gene                 ? 
_entity_src_gen.pdbx_host_org_organ                ? 
_entity_src_gen.host_org_species                   'Escherichia coli' 
_entity_src_gen.pdbx_host_org_tissue               ? 
_entity_src_gen.pdbx_host_org_tissue_fraction      ? 
_entity_src_gen.pdbx_host_org_strain               BL21 
_entity_src_gen.pdbx_host_org_variant              ? 
_entity_src_gen.pdbx_host_org_cell_line            ? 
_entity_src_gen.pdbx_host_org_atcc                 ? 
_entity_src_gen.pdbx_host_org_culture_collection   ? 
_entity_src_gen.pdbx_host_org_cell                 ? 
_entity_src_gen.pdbx_host_org_organelle            ? 
_entity_src_gen.pdbx_host_org_cellular_location    ? 
_entity_src_gen.pdbx_host_org_vector_type          PLASMID 
_entity_src_gen.pdbx_host_org_vector               ? 
_entity_src_gen.host_org_details                   ? 
_entity_src_gen.expression_system_id               ? 
_entity_src_gen.plasmid_name                       pET-LTE3BD 
_entity_src_gen.plasmid_details                    ? 
_entity_src_gen.pdbx_description                   ? 
# 
_struct_ref.id                         1 
_struct_ref.db_name                    UNP 
_struct_ref.db_code                    ODPX_HUMAN 
_struct_ref.pdbx_db_accession          O00330 
_struct_ref.entity_id                  1 
_struct_ref.pdbx_seq_one_letter_code   KEHIPGTLRFRLSPAARNILEKHSLDASQGTATGPRGIFTKEDALKLVQLKQTGKITE 
_struct_ref.pdbx_align_begin           173 
_struct_ref.pdbx_db_isoform            ? 
# 
_struct_ref_seq.align_id                      1 
_struct_ref_seq.ref_id                        1 
_struct_ref_seq.pdbx_PDB_id_code              2F60 
_struct_ref_seq.pdbx_strand_id                K 
_struct_ref_seq.seq_align_beg                 1 
_struct_ref_seq.pdbx_seq_align_beg_ins_code   ? 
_struct_ref_seq.seq_align_end                 58 
_struct_ref_seq.pdbx_seq_align_end_ins_code   ? 
_struct_ref_seq.pdbx_db_accession             O00330 
_struct_ref_seq.db_align_beg                  173 
_struct_ref_seq.pdbx_db_align_beg_ins_code    ? 
_struct_ref_seq.db_align_end                  230 
_struct_ref_seq.pdbx_db_align_end_ins_code    ? 
_struct_ref_seq.pdbx_auth_seq_align_beg       120 
_struct_ref_seq.pdbx_auth_seq_align_end       177 
# 
loop_
_struct_ref_seq_dif.align_id 
_struct_ref_seq_dif.pdbx_pdb_id_code 
_struct_ref_seq_dif.mon_id 
_struct_ref_seq_dif.pdbx_pdb_strand_id 
_struct_ref_seq_dif.seq_num 
_struct_ref_seq_dif.pdbx_pdb_ins_code 
_struct_ref_seq_dif.pdbx_seq_db_name 
_struct_ref_seq_dif.pdbx_seq_db_accession_code 
_struct_ref_seq_dif.db_mon_id 
_struct_ref_seq_dif.pdbx_seq_db_seq_num 
_struct_ref_seq_dif.details 
_struct_ref_seq_dif.pdbx_auth_seq_num 
_struct_ref_seq_dif.pdbx_ordinal 
1 2F60 GLY K 1  ? UNP O00330 LYS 173 'engineered mutation' 120 1 
1 2F60 LEU K 57 ? UNP O00330 THR 229 'engineered mutation' 176 2 
1 2F60 HIS K 59 ? UNP O00330 ?   ?   'expression tag'      178 3 
1 2F60 HIS K 60 ? UNP O00330 ?   ?   'expression tag'      179 4 
1 2F60 HIS K 61 ? UNP O00330 ?   ?   'expression tag'      180 5 
1 2F60 HIS K 62 ? UNP O00330 ?   ?   'expression tag'      181 6 
1 2F60 HIS K 63 ? UNP O00330 ?   ?   'expression tag'      182 7 
1 2F60 HIS K 64 ? UNP O00330 ?   ?   'expression tag'      183 8 
# 
loop_
_chem_comp.id 
_chem_comp.type 
_chem_comp.mon_nstd_flag 
_chem_comp.name 
_chem_comp.pdbx_synonyms 
_chem_comp.formula 
_chem_comp.formula_weight 
ALA 'L-peptide linking' y ALANINE         ?                               'C3 H7 N O2'     89.093  
ARG 'L-peptide linking' y ARGININE        ?                               'C6 H15 N4 O2 1' 175.209 
ASN 'L-peptide linking' y ASPARAGINE      ?                               'C4 H8 N2 O3'    132.118 
ASP 'L-peptide linking' y 'ASPARTIC ACID' ?                               'C4 H7 N O4'     133.103 
GLN 'L-peptide linking' y GLUTAMINE       ?                               'C5 H10 N2 O3'   146.144 
GLU 'L-peptide linking' y 'GLUTAMIC ACID' ?                               'C5 H9 N O4'     147.129 
GLY 'peptide linking'   y GLYCINE         ?                               'C2 H5 N O2'     75.067  
GOL non-polymer         . GLYCEROL        'GLYCERIN; PROPANE-1,2,3-TRIOL' 'C3 H8 O3'       92.094  
HIS 'L-peptide linking' y HISTIDINE       ?                               'C6 H10 N3 O2 1' 156.162 
HOH non-polymer         . WATER           ?                               'H2 O'           18.015  
ILE 'L-peptide linking' y ISOLEUCINE      ?                               'C6 H13 N O2'    131.173 
LEU 'L-peptide linking' y LEUCINE         ?                               'C6 H13 N O2'    131.173 
LYS 'L-peptide linking' y LYSINE          ?                               'C6 H15 N2 O2 1' 147.195 
PHE 'L-peptide linking' y PHENYLALANINE   ?                               'C9 H11 N O2'    165.189 
PRO 'L-peptide linking' y PROLINE         ?                               'C5 H9 N O2'     115.130 
SER 'L-peptide linking' y SERINE          ?                               'C3 H7 N O3'     105.093 
THR 'L-peptide linking' y THREONINE       ?                               'C4 H9 N O3'     119.119 
VAL 'L-peptide linking' y VALINE          ?                               'C5 H11 N O2'    117.146 
# 
_exptl.entry_id          2F60 
_exptl.method            'X-RAY DIFFRACTION' 
_exptl.crystals_number   1 
# 
_exptl_crystal.id                    1 
_exptl_crystal.density_meas          ? 
_exptl_crystal.density_Matthews      2.62 
_exptl_crystal.density_percent_sol   53.11 
_exptl_crystal.description           ? 
_exptl_crystal.F_000                 ? 
_exptl_crystal.preparation           ? 
# 
_exptl_crystal_grow.crystal_id      1 
_exptl_crystal_grow.method          ? 
_exptl_crystal_grow.temp            293 
_exptl_crystal_grow.temp_details    ? 
_exptl_crystal_grow.pH              6.30 
_exptl_crystal_grow.pdbx_details    
'1.35 M sodium citrate, 0.075% beta-octyl-glucopyranoside, pH 6.3, VAPOR DIFFUSION, HANGING DROP, temperature 293K, pH 6.30' 
_exptl_crystal_grow.pdbx_pH_range   . 
# 
_diffrn.id                     1 
_diffrn.ambient_temp           100.0 
_diffrn.ambient_temp_details   ? 
_diffrn.crystal_id             1 
# 
_diffrn_detector.diffrn_id              1 
_diffrn_detector.detector               CCD 
_diffrn_detector.type                   'ADSC QUANTUM 315' 
_diffrn_detector.pdbx_collection_date   2004-11-12 
_diffrn_detector.details                ? 
# 
_diffrn_radiation.diffrn_id                        1 
_diffrn_radiation.wavelength_id                    1 
_diffrn_radiation.pdbx_monochromatic_or_laue_m_l   M 
_diffrn_radiation.monochromator                    'SI (111)' 
_diffrn_radiation.pdbx_diffrn_protocol             'SINGLE WAVELENGTH' 
_diffrn_radiation.pdbx_scattering_type             x-ray 
# 
_diffrn_radiation_wavelength.id           1 
_diffrn_radiation_wavelength.wavelength   0.9793 
_diffrn_radiation_wavelength.wt           1.0 
# 
_diffrn_source.diffrn_id                   1 
_diffrn_source.source                      SYNCHROTRON 
_diffrn_source.type                        'APS BEAMLINE 19-ID' 
_diffrn_source.pdbx_synchrotron_site       APS 
_diffrn_source.pdbx_synchrotron_beamline   19-ID 
_diffrn_source.pdbx_wavelength             0.9793 
_diffrn_source.pdbx_wavelength_list        ? 
# 
_reflns.entry_id                     2F60 
_reflns.observed_criterion_sigma_I   -3.000 
_reflns.observed_criterion_sigma_F   ? 
_reflns.d_resolution_low             28.500 
_reflns.d_resolution_high            1.550 
_reflns.number_obs                   12109 
_reflns.number_all                   ? 
_reflns.percent_possible_obs         98.9 
_reflns.pdbx_Rmerge_I_obs            ? 
_reflns.pdbx_Rsym_value              0.032 
_reflns.pdbx_netI_over_sigmaI        67.8000 
_reflns.B_iso_Wilson_estimate        23.10 
_reflns.pdbx_redundancy              13.700 
_reflns.R_free_details               ? 
_reflns.limit_h_max                  ? 
_reflns.limit_h_min                  ? 
_reflns.limit_k_max                  ? 
_reflns.limit_k_min                  ? 
_reflns.limit_l_max                  ? 
_reflns.limit_l_min                  ? 
_reflns.observed_criterion_F_max     ? 
_reflns.observed_criterion_F_min     ? 
_reflns.pdbx_chi_squared             ? 
_reflns.pdbx_scaling_rejects         ? 
_reflns.pdbx_ordinal                 1 
_reflns.pdbx_diffrn_id               1 
# 
_reflns_shell.d_res_high             1.55 
_reflns_shell.d_res_low              1.61 
_reflns_shell.percent_possible_all   95.4 
_reflns_shell.Rmerge_I_obs           ? 
_reflns_shell.pdbx_Rsym_value        0.148 
_reflns_shell.meanI_over_sigI_obs    8.600 
_reflns_shell.pdbx_redundancy        7.90 
_reflns_shell.percent_possible_obs   ? 
_reflns_shell.number_unique_all      ? 
_reflns_shell.number_measured_all    ? 
_reflns_shell.number_measured_obs    ? 
_reflns_shell.number_unique_obs      ? 
_reflns_shell.pdbx_chi_squared       ? 
_reflns_shell.pdbx_ordinal           1 
_reflns_shell.pdbx_diffrn_id         1 
# 
_refine.entry_id                                 2F60 
_refine.ls_number_reflns_obs                     12034 
_refine.ls_number_reflns_all                     12109 
_refine.pdbx_ls_sigma_I                          ? 
_refine.pdbx_ls_sigma_F                          0.000 
_refine.pdbx_data_cutoff_high_absF               ? 
_refine.pdbx_data_cutoff_low_absF                ? 
_refine.pdbx_data_cutoff_high_rms_absF           ? 
_refine.ls_d_res_low                             28.50 
_refine.ls_d_res_high                            1.55 
_refine.ls_percent_reflns_obs                    98.9 
_refine.ls_R_factor_obs                          0.206 
_refine.ls_R_factor_all                          ? 
_refine.ls_R_factor_R_work                       0.206 
_refine.ls_R_factor_R_free                       0.223 
_refine.ls_R_factor_R_free_error                 ? 
_refine.ls_R_factor_R_free_error_details         ? 
_refine.ls_percent_reflns_R_free                 ? 
_refine.ls_number_reflns_R_free                  584 
_refine.ls_number_parameters                     ? 
_refine.ls_number_restraints                     ? 
_refine.occupancy_min                            ? 
_refine.occupancy_max                            ? 
_refine.correlation_coeff_Fo_to_Fc               ? 
_refine.correlation_coeff_Fo_to_Fc_free          ? 
_refine.B_iso_mean                               26.00 
_refine.aniso_B[1][1]                            1.58000 
_refine.aniso_B[2][2]                            1.58000 
_refine.aniso_B[3][3]                            -3.16000 
_refine.aniso_B[1][2]                            2.75000 
_refine.aniso_B[1][3]                            0.00000 
_refine.aniso_B[2][3]                            0.00000 
_refine.solvent_model_details                    ? 
_refine.solvent_model_param_ksol                 ? 
_refine.solvent_model_param_bsol                 ? 
_refine.pdbx_solvent_vdw_probe_radii             ? 
_refine.pdbx_solvent_ion_probe_radii             ? 
_refine.pdbx_solvent_shrinkage_radii             ? 
_refine.pdbx_ls_cross_valid_method               THROUGHOUT 
_refine.details                                  ? 
_refine.pdbx_starting_model                      'PDB ENTRY 2F5Z' 
_refine.pdbx_method_to_determine_struct          'MOLECULAR REPLACEMENT' 
_refine.pdbx_isotropic_thermal_model             RESTRAINED 
_refine.pdbx_stereochemistry_target_values       'ENGH & HUBER' 
_refine.pdbx_stereochem_target_val_spec_case     ? 
_refine.pdbx_R_Free_selection_details            RANDOM 
_refine.pdbx_overall_ESU_R                       ? 
_refine.pdbx_overall_ESU_R_Free                  ? 
_refine.overall_SU_ML                            ? 
_refine.overall_SU_B                             ? 
_refine.ls_redundancy_reflns_obs                 ? 
_refine.B_iso_min                                ? 
_refine.B_iso_max                                ? 
_refine.overall_SU_R_Cruickshank_DPI             ? 
_refine.overall_SU_R_free                        ? 
_refine.ls_wR_factor_R_free                      ? 
_refine.ls_wR_factor_R_work                      ? 
_refine.overall_FOM_free_R_set                   ? 
_refine.overall_FOM_work_R_set                   ? 
_refine.pdbx_refine_id                           'X-RAY DIFFRACTION' 
_refine.pdbx_diffrn_id                           1 
_refine.pdbx_TLS_residual_ADP_flag               ? 
_refine.pdbx_overall_phase_error                 ? 
_refine.pdbx_overall_SU_R_free_Cruickshank_DPI   ? 
_refine.pdbx_overall_SU_R_Blow_DPI               ? 
_refine.pdbx_overall_SU_R_free_Blow_DPI          ? 
# 
_refine_analyze.entry_id                        2F60 
_refine_analyze.Luzzati_coordinate_error_obs    0.17 
_refine_analyze.Luzzati_sigma_a_obs             0.08 
_refine_analyze.Luzzati_d_res_low_obs           5.00 
_refine_analyze.Luzzati_coordinate_error_free   0.20 
_refine_analyze.Luzzati_sigma_a_free            0.10 
_refine_analyze.Luzzati_d_res_low_free          ? 
_refine_analyze.number_disordered_residues      ? 
_refine_analyze.occupancy_sum_hydrogen          ? 
_refine_analyze.occupancy_sum_non_hydrogen      ? 
_refine_analyze.pdbx_Luzzati_d_res_high_obs     ? 
_refine_analyze.pdbx_refine_id                  'X-RAY DIFFRACTION' 
# 
_refine_hist.pdbx_refine_id                   'X-RAY DIFFRACTION' 
_refine_hist.cycle_id                         LAST 
_refine_hist.pdbx_number_atoms_protein        470 
_refine_hist.pdbx_number_atoms_nucleic_acid   0 
_refine_hist.pdbx_number_atoms_ligand         12 
_refine_hist.number_atoms_solvent             63 
_refine_hist.number_atoms_total               545 
_refine_hist.d_res_high                       1.55 
_refine_hist.d_res_low                        28.50 
# 
loop_
_refine_ls_restr.type 
_refine_ls_restr.dev_ideal 
_refine_ls_restr.dev_ideal_target 
_refine_ls_restr.weight 
_refine_ls_restr.number 
_refine_ls_restr.pdbx_refine_id 
_refine_ls_restr.pdbx_restraint_function 
c_bond_d                0.033 ? ? ? 'X-RAY DIFFRACTION' ? 
c_bond_d_na             ?     ? ? ? 'X-RAY DIFFRACTION' ? 
c_bond_d_prot           ?     ? ? ? 'X-RAY DIFFRACTION' ? 
c_angle_d               ?     ? ? ? 'X-RAY DIFFRACTION' ? 
c_angle_d_na            ?     ? ? ? 'X-RAY DIFFRACTION' ? 
c_angle_d_prot          ?     ? ? ? 'X-RAY DIFFRACTION' ? 
c_angle_deg             2.70  ? ? ? 'X-RAY DIFFRACTION' ? 
c_angle_deg_na          ?     ? ? ? 'X-RAY DIFFRACTION' ? 
c_angle_deg_prot        ?     ? ? ? 'X-RAY DIFFRACTION' ? 
c_dihedral_angle_d      21.30 ? ? ? 'X-RAY DIFFRACTION' ? 
c_dihedral_angle_d_na   ?     ? ? ? 'X-RAY DIFFRACTION' ? 
c_dihedral_angle_d_prot ?     ? ? ? 'X-RAY DIFFRACTION' ? 
c_improper_angle_d      1.80  ? ? ? 'X-RAY DIFFRACTION' ? 
c_improper_angle_d_na   ?     ? ? ? 'X-RAY DIFFRACTION' ? 
c_improper_angle_d_prot ?     ? ? ? 'X-RAY DIFFRACTION' ? 
c_mcbond_it             ?     ? ? ? 'X-RAY DIFFRACTION' ? 
c_mcangle_it            ?     ? ? ? 'X-RAY DIFFRACTION' ? 
c_scbond_it             ?     ? ? ? 'X-RAY DIFFRACTION' ? 
c_scangle_it            ?     ? ? ? 'X-RAY DIFFRACTION' ? 
# 
_refine_ls_shell.pdbx_total_number_of_bins_used   ? 
_refine_ls_shell.d_res_high                       1.55 
_refine_ls_shell.d_res_low                        1.65 
_refine_ls_shell.number_reflns_R_work             ? 
_refine_ls_shell.R_factor_R_work                  0.21 
_refine_ls_shell.percent_reflns_obs               97.00 
_refine_ls_shell.R_factor_R_free                  0.251 
_refine_ls_shell.R_factor_R_free_error            0.026 
_refine_ls_shell.percent_reflns_R_free            ? 
_refine_ls_shell.number_reflns_R_free             94 
_refine_ls_shell.number_reflns_all                ? 
_refine_ls_shell.R_factor_all                     ? 
_refine_ls_shell.redundancy_reflns_obs            ? 
_refine_ls_shell.number_reflns_obs                ? 
_refine_ls_shell.pdbx_refine_id                   'X-RAY DIFFRACTION' 
# 
_struct.entry_id                  2F60 
_struct.title                     
'Crystal Structure of the Dihydrolipoamide Dehydrogenase (E3)-Binding Domain of Human E3-Binding Protein' 
_struct.pdbx_model_details        ? 
_struct.pdbx_CASP_flag            ? 
_struct.pdbx_model_type_details   ? 
# 
_struct_keywords.entry_id        2F60 
_struct_keywords.pdbx_keywords   'PROTEIN BINDING' 
_struct_keywords.text            'protein-binding protein, E3BD, PROTEIN BINDING' 
# 
loop_
_struct_asym.id 
_struct_asym.pdbx_blank_PDB_chainid_flag 
_struct_asym.pdbx_modified 
_struct_asym.entity_id 
_struct_asym.details 
A N N 1 ? 
B N N 2 ? 
C N N 2 ? 
D N N 3 ? 
# 
_struct_biol.id   1 
# 
loop_
_struct_conf.conf_type_id 
_struct_conf.id 
_struct_conf.pdbx_PDB_helix_id 
_struct_conf.beg_label_comp_id 
_struct_conf.beg_label_asym_id 
_struct_conf.beg_label_seq_id 
_struct_conf.pdbx_beg_PDB_ins_code 
_struct_conf.end_label_comp_id 
_struct_conf.end_label_asym_id 
_struct_conf.end_label_seq_id 
_struct_conf.pdbx_end_PDB_ins_code 
_struct_conf.beg_auth_comp_id 
_struct_conf.beg_auth_asym_id 
_struct_conf.beg_auth_seq_id 
_struct_conf.end_auth_comp_id 
_struct_conf.end_auth_asym_id 
_struct_conf.end_auth_seq_id 
_struct_conf.pdbx_PDB_helix_class 
_struct_conf.details 
_struct_conf.pdbx_PDB_helix_length 
HELX_P HELX_P1 1 THR A 7  ? LEU A 12 ? THR K 126 LEU K 131 1 ? 6  
HELX_P HELX_P2 2 SER A 13 ? HIS A 23 ? SER K 132 HIS K 142 1 ? 11 
HELX_P HELX_P3 3 ASP A 26 ? GLY A 30 ? ASP K 145 GLY K 149 5 ? 5  
HELX_P HELX_P4 4 GLY A 34 ? ILE A 38 ? GLY K 153 ILE K 157 5 ? 5  
HELX_P HELX_P5 5 THR A 40 ? HIS A 61 ? THR K 159 HIS K 180 1 ? 22 
# 
_struct_conf_type.id          HELX_P 
_struct_conf_type.criteria    ? 
_struct_conf_type.reference   ? 
# 
loop_
_struct_site.id 
_struct_site.pdbx_evidence_code 
_struct_site.pdbx_auth_asym_id 
_struct_site.pdbx_auth_comp_id 
_struct_site.pdbx_auth_seq_id 
_struct_site.pdbx_auth_ins_code 
_struct_site.pdbx_num_residues 
_struct_site.details 
AC1 Software K GOL 101 ? 4 'BINDING SITE FOR RESIDUE GOL K 101' 
AC2 Software K GOL 102 ? 5 'BINDING SITE FOR RESIDUE GOL K 102' 
# 
loop_
_struct_site_gen.id 
_struct_site_gen.site_id 
_struct_site_gen.pdbx_num_res 
_struct_site_gen.label_comp_id 
_struct_site_gen.label_asym_id 
_struct_site_gen.label_seq_id 
_struct_site_gen.pdbx_auth_ins_code 
_struct_site_gen.auth_comp_id 
_struct_site_gen.auth_asym_id 
_struct_site_gen.auth_seq_id 
_struct_site_gen.label_atom_id 
_struct_site_gen.label_alt_id 
_struct_site_gen.symmetry 
_struct_site_gen.details 
1 AC1 4 HOH D .  ? HOH K 28  . ? 1_555 ? 
2 AC1 4 LYS A 22 ? LYS K 141 . ? 1_555 ? 
3 AC1 4 HIS A 23 ? HIS K 142 . ? 1_555 ? 
4 AC1 4 LEU A 45 ? LEU K 164 . ? 1_555 ? 
5 AC2 5 HOH D .  ? HOH K 16  . ? 1_555 ? 
6 AC2 5 GLY A 6  ? GLY K 125 . ? 1_555 ? 
7 AC2 5 THR A 7  ? THR K 126 . ? 1_555 ? 
8 AC2 5 LEU A 8  ? LEU K 127 . ? 1_555 ? 
9 AC2 5 ARG A 9  ? ARG K 128 . ? 1_555 ? 
# 
_atom_sites.entry_id                    2F60 
_atom_sites.fract_transf_matrix[1][1]   0.02409725 
_atom_sites.fract_transf_matrix[1][2]   -0.01733006 
_atom_sites.fract_transf_matrix[1][3]   0.01005853 
_atom_sites.fract_transf_matrix[2][1]   -0.00331184 
_atom_sites.fract_transf_matrix[2][2]   -0.01830268 
_atom_sites.fract_transf_matrix[2][3]   0.02522254 
_atom_sites.fract_transf_matrix[3][1]   -0.00155303 
_atom_sites.fract_transf_matrix[3][2]   -0.00393525 
_atom_sites.fract_transf_matrix[3][3]   -0.00305953 
_atom_sites.fract_transf_vector[1]      0.077194 
_atom_sites.fract_transf_vector[2]      -0.448334 
_atom_sites.fract_transf_vector[3]      -0.008383 
# 
loop_
_atom_type.symbol 
C 
N 
O 
# 
loop_
_atom_site.group_PDB 
_atom_site.id 
_atom_site.type_symbol 
_atom_site.label_atom_id 
_atom_site.label_alt_id 
_atom_site.label_comp_id 
_atom_site.label_asym_id 
_atom_site.label_entity_id 
_atom_site.label_seq_id 
_atom_site.pdbx_PDB_ins_code 
_atom_site.Cartn_x 
_atom_site.Cartn_y 
_atom_site.Cartn_z 
_atom_site.occupancy 
_atom_site.B_iso_or_equiv 
_atom_site.pdbx_formal_charge 
_atom_site.auth_seq_id 
_atom_site.auth_comp_id 
_atom_site.auth_asym_id 
_atom_site.auth_atom_id 
_atom_site.pdbx_PDB_model_num 
ATOM   1   N N   . GLU A 1 2  ? -8.995  -6.471  -12.817 1.00 40.00 ? 121 GLU K N   1 
ATOM   2   C CA  . GLU A 1 2  ? -7.601  -6.289  -13.349 1.00 37.58 ? 121 GLU K CA  1 
ATOM   3   C C   . GLU A 1 2  ? -6.660  -7.454  -12.997 1.00 36.92 ? 121 GLU K C   1 
ATOM   4   O O   . GLU A 1 2  ? -5.875  -7.904  -13.878 1.00 41.73 ? 121 GLU K O   1 
ATOM   5   C CB  . GLU A 1 2  ? -6.952  -4.994  -12.856 1.00 36.70 ? 121 GLU K CB  1 
ATOM   6   C CG  . GLU A 1 2  ? -6.859  -3.902  -13.909 0.00 17.84 ? 121 GLU K CG  1 
ATOM   7   C CD  . GLU A 1 2  ? -6.088  -2.690  -13.421 0.00 16.19 ? 121 GLU K CD  1 
ATOM   8   O OE1 . GLU A 1 2  ? -6.551  -2.034  -12.464 0.00 15.24 ? 121 GLU K OE1 1 
ATOM   9   O OE2 . GLU A 1 2  ? -5.016  -2.395  -13.992 0.00 15.24 ? 121 GLU K OE2 1 
ATOM   10  N N   . HIS A 1 3  ? -6.743  -7.956  -11.762 1.00 33.59 ? 122 HIS K N   1 
ATOM   11  C CA  . HIS A 1 3  ? -5.831  -9.062  -11.391 1.00 34.25 ? 122 HIS K CA  1 
ATOM   12  C C   . HIS A 1 3  ? -6.590  -10.292 -10.966 1.00 37.56 ? 122 HIS K C   1 
ATOM   13  O O   . HIS A 1 3  ? -7.763  -10.217 -10.653 1.00 40.17 ? 122 HIS K O   1 
ATOM   14  C CB  . HIS A 1 3  ? -4.919  -8.651  -10.215 1.00 36.01 ? 122 HIS K CB  1 
ATOM   15  C CG  . HIS A 1 3  ? -4.391  -7.262  -10.302 1.00 37.37 ? 122 HIS K CG  1 
ATOM   16  N ND1 . HIS A 1 3  ? -3.472  -6.864  -11.267 1.00 36.84 ? 122 HIS K ND1 1 
ATOM   17  C CD2 . HIS A 1 3  ? -4.676  -6.160  -9.563  1.00 37.89 ? 122 HIS K CD2 1 
ATOM   18  C CE1 . HIS A 1 3  ? -3.219  -5.576  -11.115 1.00 34.95 ? 122 HIS K CE1 1 
ATOM   19  N NE2 . HIS A 1 3  ? -3.937  -5.123  -10.087 1.00 38.63 ? 122 HIS K NE2 1 
ATOM   20  N N   . ILE A 1 4  ? -5.938  -11.450 -10.972 1.00 33.73 ? 123 ILE K N   1 
ATOM   21  C CA  . ILE A 1 4  ? -6.553  -12.671 -10.526 1.00 33.45 ? 123 ILE K CA  1 
ATOM   22  C C   . ILE A 1 4  ? -6.745  -12.554 -9.019  1.00 35.19 ? 123 ILE K C   1 
ATOM   23  O O   . ILE A 1 4  ? -5.864  -12.072 -8.300  1.00 30.04 ? 123 ILE K O   1 
ATOM   24  C CB  . ILE A 1 4  ? -5.604  -13.851 -10.801 1.00 36.86 ? 123 ILE K CB  1 
ATOM   25  C CG1 . ILE A 1 4  ? -5.388  -14.015 -12.286 1.00 33.68 ? 123 ILE K CG1 1 
ATOM   26  C CG2 . ILE A 1 4  ? -6.080  -15.107 -10.115 1.00 34.81 ? 123 ILE K CG2 1 
ATOM   27  C CD1 . ILE A 1 4  ? -4.455  -15.214 -12.506 1.00 35.02 ? 123 ILE K CD1 1 
ATOM   28  N N   . PRO A 1 5  ? -7.924  -12.934 -8.476  1.00 34.69 ? 124 PRO K N   1 
ATOM   29  C CA  . PRO A 1 5  ? -8.122  -12.832 -7.021  1.00 32.47 ? 124 PRO K CA  1 
ATOM   30  C C   . PRO A 1 5  ? -7.154  -13.544 -6.184  1.00 32.63 ? 124 PRO K C   1 
ATOM   31  O O   . PRO A 1 5  ? -6.759  -14.671 -6.544  1.00 33.73 ? 124 PRO K O   1 
ATOM   32  C CB  . PRO A 1 5  ? -9.567  -13.448 -6.777  1.00 33.27 ? 124 PRO K CB  1 
ATOM   33  C CG  . PRO A 1 5  ? -10.255 -13.070 -8.123  1.00 32.80 ? 124 PRO K CG  1 
ATOM   34  C CD  . PRO A 1 5  ? -9.188  -13.349 -9.171  1.00 39.90 ? 124 PRO K CD  1 
ATOM   35  N N   . GLY A 1 6  ? -6.817  -12.956 -5.027  1.00 30.13 ? 125 GLY K N   1 
ATOM   36  C CA  . GLY A 1 6  ? -5.886  -13.615 -4.138  1.00 29.23 ? 125 GLY K CA  1 
ATOM   37  C C   . GLY A 1 6  ? -4.372  -13.618 -4.493  1.00 25.05 ? 125 GLY K C   1 
ATOM   38  O O   . GLY A 1 6  ? -3.559  -14.220 -3.801  1.00 30.86 ? 125 GLY K O   1 
ATOM   39  N N   . THR A 1 7  ? -4.070  -12.819 -5.508  1.00 24.26 ? 126 THR K N   1 
ATOM   40  C CA  . THR A 1 7  ? -2.675  -12.736 -5.929  1.00 21.43 ? 126 THR K CA  1 
ATOM   41  C C   . THR A 1 7  ? -1.924  -11.537 -5.371  1.00 23.19 ? 126 THR K C   1 
ATOM   42  O O   . THR A 1 7  ? -0.729  -11.432 -5.621  1.00 20.01 ? 126 THR K O   1 
ATOM   43  C CB  . THR A 1 7  ? -2.509  -12.699 -7.390  1.00 19.50 ? 126 THR K CB  1 
ATOM   44  O OG1 . THR A 1 7  ? -3.132  -11.610 -8.020  1.00 23.27 ? 126 THR K OG1 1 
ATOM   45  C CG2 . THR A 1 7  ? -3.044  -14.050 -8.018  1.00 23.72 ? 126 THR K CG2 1 
ATOM   46  N N   . LEU A 1 8  ? -2.596  -10.646 -4.631  1.00 21.64 ? 127 LEU K N   1 
ATOM   47  C CA  . LEU A 1 8  ? -1.845  -9.498  -4.125  1.00 20.01 ? 127 LEU K CA  1 
ATOM   48  C C   . LEU A 1 8  ? -0.639  -9.880  -3.285  1.00 19.05 ? 127 LEU K C   1 
ATOM   49  O O   . LEU A 1 8  ? 0.449   -9.209  -3.483  1.00 22.16 ? 127 LEU K O   1 
ATOM   50  C CB  . LEU A 1 8  ? -2.819  -8.517  -3.393  1.00 21.87 ? 127 LEU K CB  1 
ATOM   51  C CG  . LEU A 1 8  ? -2.136  -7.216  -2.804  1.00 23.31 ? 127 LEU K CG  1 
ATOM   52  C CD1 . LEU A 1 8  ? -1.462  -6.454  -4.003  1.00 21.46 ? 127 LEU K CD1 1 
ATOM   53  C CD2 . LEU A 1 8  ? -3.309  -6.361  -2.113  1.00 24.66 ? 127 LEU K CD2 1 
ATOM   54  N N   A ARG A 1 9  ? -0.707  -10.898 -2.428  0.49 20.62 ? 128 ARG K N   1 
ATOM   55  N N   B ARG A 1 9  ? -0.696  -10.883 -2.405  0.51 22.03 ? 128 ARG K N   1 
ATOM   56  C CA  A ARG A 1 9  ? 0.388   -11.359 -1.615  0.49 20.15 ? 128 ARG K CA  1 
ATOM   57  C CA  B ARG A 1 9  ? 0.420   -11.245 -1.568  0.51 24.80 ? 128 ARG K CA  1 
ATOM   58  C C   A ARG A 1 9  ? 1.655   -11.540 -2.501  0.49 20.16 ? 128 ARG K C   1 
ATOM   59  C C   B ARG A 1 9  ? 1.638   -11.710 -2.393  0.51 23.98 ? 128 ARG K C   1 
ATOM   60  O O   A ARG A 1 9  ? 2.755   -11.129 -2.185  0.49 18.82 ? 128 ARG K O   1 
ATOM   61  O O   B ARG A 1 9  ? 2.738   -11.752 -1.843  0.51 25.25 ? 128 ARG K O   1 
ATOM   62  C CB  A ARG A 1 9  ? 0.018   -12.749 -0.996  0.49 23.40 ? 128 ARG K CB  1 
ATOM   63  C CB  B ARG A 1 9  ? 0.009   -12.335 -0.577  0.51 31.57 ? 128 ARG K CB  1 
ATOM   64  C CG  A ARG A 1 9  ? 1.221   -13.524 -0.422  0.49 17.81 ? 128 ARG K CG  1 
ATOM   65  C CG  B ARG A 1 9  ? 0.415   -13.725 -1.012  0.51 32.12 ? 128 ARG K CG  1 
ATOM   66  C CD  A ARG A 1 9  ? 0.756   -14.911 0.186   0.49 22.20 ? 128 ARG K CD  1 
ATOM   67  C CD  B ARG A 1 9  ? -0.271  -14.782 -0.158  0.51 36.98 ? 128 ARG K CD  1 
ATOM   68  N NE  A ARG A 1 9  ? 1.828   -15.556 0.914   0.49 25.33 ? 128 ARG K NE  1 
ATOM   69  N NE  B ARG A 1 9  ? -1.690  -14.709 -0.450  0.51 40.75 ? 128 ARG K NE  1 
ATOM   70  C CZ  A ARG A 1 9  ? 1.676   -16.738 1.515   0.49 25.06 ? 128 ARG K CZ  1 
ATOM   71  C CZ  B ARG A 1 9  ? -2.552  -15.684 -0.260  0.51 39.26 ? 128 ARG K CZ  1 
ATOM   72  N NH1 A ARG A 1 9  ? 0.510   -17.375 1.453   0.49 28.80 ? 128 ARG K NH1 1 
ATOM   73  N NH1 B ARG A 1 9  ? -2.131  -16.834 0.248   0.51 35.56 ? 128 ARG K NH1 1 
ATOM   74  N NH2 A ARG A 1 9  ? 2.680   -17.267 2.180   0.49 31.35 ? 128 ARG K NH2 1 
ATOM   75  N NH2 B ARG A 1 9  ? -3.808  -15.499 -0.638  0.51 39.68 ? 128 ARG K NH2 1 
ATOM   76  N N   . PHE A 1 10 ? 1.416   -12.084 -3.679  1.00 19.64 ? 129 PHE K N   1 
ATOM   77  C CA  . PHE A 1 10 ? 2.570   -12.503 -4.560  1.00 19.38 ? 129 PHE K CA  1 
ATOM   78  C C   . PHE A 1 10 ? 3.034   -11.366 -5.413  1.00 17.70 ? 129 PHE K C   1 
ATOM   79  O O   . PHE A 1 10 ? 4.128   -11.469 -5.985  1.00 19.29 ? 129 PHE K O   1 
ATOM   80  C CB  . PHE A 1 10 ? 2.075   -13.672 -5.510  1.00 18.82 ? 129 PHE K CB  1 
ATOM   81  C CG  . PHE A 1 10 ? 1.733   -14.908 -4.702  1.00 21.87 ? 129 PHE K CG  1 
ATOM   82  C CD1 . PHE A 1 10 ? 2.752   -15.704 -4.247  1.00 23.14 ? 129 PHE K CD1 1 
ATOM   83  C CD2 . PHE A 1 10 ? 0.425   -15.191 -4.333  1.00 29.73 ? 129 PHE K CD2 1 
ATOM   84  C CE1 . PHE A 1 10 ? 2.516   -16.819 -3.386  1.00 31.26 ? 129 PHE K CE1 1 
ATOM   85  C CE2 . PHE A 1 10 ? 0.190   -16.310 -3.478  1.00 29.71 ? 129 PHE K CE2 1 
ATOM   86  C CZ  . PHE A 1 10 ? 1.261   -17.082 -3.019  1.00 28.28 ? 129 PHE K CZ  1 
ATOM   87  N N   . ARG A 1 11 ? 2.233   -10.290 -5.515  1.00 16.14 ? 130 ARG K N   1 
ATOM   88  C CA  . ARG A 1 11 ? 2.571   -9.121  -6.346  1.00 14.90 ? 130 ARG K CA  1 
ATOM   89  C C   . ARG A 1 11 ? 3.163   -7.982  -5.542  1.00 12.12 ? 130 ARG K C   1 
ATOM   90  O O   . ARG A 1 11 ? 3.571   -7.014  -6.123  1.00 14.37 ? 130 ARG K O   1 
ATOM   91  C CB  . ARG A 1 11 ? 1.282   -8.541  -7.108  1.00 16.24 ? 130 ARG K CB  1 
ATOM   92  C CG  . ARG A 1 11 ? 0.677   -9.630  -8.102  1.00 19.31 ? 130 ARG K CG  1 
ATOM   93  C CD  . ARG A 1 11 ? -0.524  -9.086  -8.884  1.00 18.81 ? 130 ARG K CD  1 
ATOM   94  N NE  . ARG A 1 11 ? -1.789  -9.005  -8.072  1.00 22.04 ? 130 ARG K NE  1 
ATOM   95  C CZ  . ARG A 1 11 ? -2.304  -7.899  -7.594  1.00 26.20 ? 130 ARG K CZ  1 
ATOM   96  N NH1 . ARG A 1 11 ? -1.728  -6.723  -7.787  1.00 21.32 ? 130 ARG K NH1 1 
ATOM   97  N NH2 . ARG A 1 11 ? -3.491  -7.960  -6.867  1.00 24.10 ? 130 ARG K NH2 1 
ATOM   98  N N   . LEU A 1 12 ? 3.236   -8.154  -4.234  1.00 15.64 ? 131 LEU K N   1 
ATOM   99  C CA  . LEU A 1 12 ? 3.821   -7.107  -3.387  1.00 14.39 ? 131 LEU K CA  1 
ATOM   100 C C   . LEU A 1 12 ? 5.375   -7.070  -3.567  1.00 14.92 ? 131 LEU K C   1 
ATOM   101 O O   . LEU A 1 12 ? 6.003   -8.096  -3.292  1.00 18.77 ? 131 LEU K O   1 
ATOM   102 C CB  . LEU A 1 12 ? 3.591   -7.360  -1.896  1.00 18.41 ? 131 LEU K CB  1 
ATOM   103 C CG  . LEU A 1 12 ? 2.167   -7.239  -1.355  1.00 24.96 ? 131 LEU K CG  1 
ATOM   104 C CD1 . LEU A 1 12 ? 2.267   -7.355  0.187   1.00 25.29 ? 131 LEU K CD1 1 
ATOM   105 C CD2 . LEU A 1 12 ? 1.604   -5.943  -1.658  1.00 27.48 ? 131 LEU K CD2 1 
ATOM   106 N N   . SER A 1 13 ? 5.930   -5.914  -3.934  1.00 13.37 ? 132 SER K N   1 
ATOM   107 C CA  . SER A 1 13 ? 7.418   -5.769  -3.939  1.00 15.76 ? 132 SER K CA  1 
ATOM   108 C C   . SER A 1 13 ? 7.905   -5.835  -2.522  1.00 16.58 ? 132 SER K C   1 
ATOM   109 O O   . SER A 1 13 ? 7.223   -5.535  -1.498  1.00 15.22 ? 132 SER K O   1 
ATOM   110 C CB  . SER A 1 13 ? 7.798   -4.454  -4.558  1.00 15.66 ? 132 SER K CB  1 
ATOM   111 O OG  . SER A 1 13 ? 7.261   -3.351  -3.747  1.00 16.28 ? 132 SER K OG  1 
ATOM   112 N N   . PRO A 1 14 ? 9.197   -6.257  -2.314  1.00 16.01 ? 133 PRO K N   1 
ATOM   113 C CA  . PRO A 1 14 ? 9.742   -6.305  -0.978  1.00 13.09 ? 133 PRO K CA  1 
ATOM   114 C C   . PRO A 1 14 ? 9.740   -4.897  -0.320  1.00 13.45 ? 133 PRO K C   1 
ATOM   115 O O   . PRO A 1 14 ? 9.486   -4.804  0.899   1.00 14.31 ? 133 PRO K O   1 
ATOM   116 C CB  . PRO A 1 14 ? 11.236  -6.789  -1.226  1.00 13.98 ? 133 PRO K CB  1 
ATOM   117 C CG  . PRO A 1 14 ? 11.061  -7.676  -2.435  1.00 16.09 ? 133 PRO K CG  1 
ATOM   118 C CD  . PRO A 1 14 ? 10.046  -6.894  -3.389  1.00 17.24 ? 133 PRO K CD  1 
ATOM   119 N N   . ALA A 1 15 ? 9.979   -3.862  -1.094  1.00 14.88 ? 134 ALA K N   1 
ATOM   120 C CA  . ALA A 1 15 ? 9.967   -2.476  -0.517  1.00 13.77 ? 134 ALA K CA  1 
ATOM   121 C C   . ALA A 1 15 ? 8.559   -2.121  -0.022  1.00 15.63 ? 134 ALA K C   1 
ATOM   122 O O   . ALA A 1 15 ? 8.458   -1.655  1.107   1.00 15.89 ? 134 ALA K O   1 
ATOM   123 C CB  . ALA A 1 15 ? 10.424  -1.513  -1.553  1.00 16.97 ? 134 ALA K CB  1 
ATOM   124 N N   . ALA A 1 16 ? 7.575   -2.501  -0.855  1.00 14.93 ? 135 ALA K N   1 
ATOM   125 C CA  . ALA A 1 16 ? 6.236   -2.224  -0.362  1.00 14.07 ? 135 ALA K CA  1 
ATOM   126 C C   . ALA A 1 16 ? 5.910   -3.003  0.855   1.00 16.86 ? 135 ALA K C   1 
ATOM   127 O O   . ALA A 1 16 ? 5.287   -2.461  1.823   1.00 16.74 ? 135 ALA K O   1 
ATOM   128 C CB  . ALA A 1 16 ? 5.210   -2.549  -1.546  1.00 14.78 ? 135 ALA K CB  1 
ATOM   129 N N   A ARG A 1 17 ? 6.202   -4.328  0.842   0.52 13.92 ? 136 ARG K N   1 
ATOM   130 N N   B ARG A 1 17 ? 6.235   -4.310  0.927   0.48 14.89 ? 136 ARG K N   1 
ATOM   131 C CA  A ARG A 1 17 ? 5.878   -5.140  1.992   0.52 15.66 ? 136 ARG K CA  1 
ATOM   132 C CA  B ARG A 1 17 ? 5.959   -5.095  2.147   0.48 15.28 ? 136 ARG K CA  1 
ATOM   133 C C   A ARG A 1 17 ? 6.537   -4.613  3.297   0.52 17.19 ? 136 ARG K C   1 
ATOM   134 C C   B ARG A 1 17 ? 6.539   -4.438  3.367   0.48 17.19 ? 136 ARG K C   1 
ATOM   135 O O   A ARG A 1 17 ? 5.868   -4.715  4.351   0.52 17.72 ? 136 ARG K O   1 
ATOM   136 O O   B ARG A 1 17 ? 5.920   -4.287  4.393   0.48 17.65 ? 136 ARG K O   1 
ATOM   137 C CB  A ARG A 1 17 ? 6.230   -6.650  1.702   0.52 15.22 ? 136 ARG K CB  1 
ATOM   138 C CB  B ARG A 1 17 ? 6.661   -6.462  2.050   0.48 14.97 ? 136 ARG K CB  1 
ATOM   139 C CG  A ARG A 1 17 ? 5.773   -7.538  2.834   0.52 18.29 ? 136 ARG K CG  1 
ATOM   140 C CG  B ARG A 1 17 ? 6.318   -7.474  3.084   0.48 20.21 ? 136 ARG K CG  1 
ATOM   141 C CD  A ARG A 1 17 ? 6.173   -9.014  2.605   0.52 23.37 ? 136 ARG K CD  1 
ATOM   142 C CD  B ARG A 1 17 ? 6.985   -8.852  2.567   0.48 25.23 ? 136 ARG K CD  1 
ATOM   143 N NE  A ARG A 1 17 ? 5.611   -9.648  1.369   0.52 29.44 ? 136 ARG K NE  1 
ATOM   144 N NE  B ARG A 1 17 ? 6.339   -9.313  1.329   0.48 32.09 ? 136 ARG K NE  1 
ATOM   145 C CZ  A ARG A 1 17 ? 4.422   -10.254 1.305   0.52 29.96 ? 136 ARG K CZ  1 
ATOM   146 C CZ  B ARG A 1 17 ? 6.908   -9.652  0.171   0.48 31.74 ? 136 ARG K CZ  1 
ATOM   147 N NH1 A ARG A 1 17 ? 4.011   -10.802 0.168   0.52 26.65 ? 136 ARG K NH1 1 
ATOM   148 N NH1 B ARG A 1 17 ? 8.225   -9.597  -0.047  0.48 35.07 ? 136 ARG K NH1 1 
ATOM   149 N NH2 A ARG A 1 17 ? 3.646   -10.287 2.390   0.52 33.23 ? 136 ARG K NH2 1 
ATOM   150 N NH2 B ARG A 1 17 ? 6.114   -10.133 -0.763  0.48 40.40 ? 136 ARG K NH2 1 
ATOM   151 N N   . ASN A 1 18 ? 7.803   -4.069  3.266   1.00 15.87 ? 137 ASN K N   1 
ATOM   152 C CA  . ASN A 1 18 ? 8.436   -3.518  4.411   1.00 17.34 ? 137 ASN K CA  1 
ATOM   153 C C   . ASN A 1 18 ? 7.674   -2.211  4.885   1.00 17.14 ? 137 ASN K C   1 
ATOM   154 O O   . ASN A 1 18 ? 7.437   -2.102  6.075   1.00 18.02 ? 137 ASN K O   1 
ATOM   155 C CB  . ASN A 1 18 ? 9.898   -3.205  3.945   1.00 17.74 ? 137 ASN K CB  1 
ATOM   156 C CG  . ASN A 1 18 ? 10.678  -2.487  4.968   1.00 26.33 ? 137 ASN K CG  1 
ATOM   157 O OD1 . ASN A 1 18 ? 11.113  -1.325  4.793   1.00 36.34 ? 137 ASN K OD1 1 
ATOM   158 N ND2 . ASN A 1 18 ? 10.821  -3.141  6.076   1.00 27.38 ? 137 ASN K ND2 1 
ATOM   159 N N   . ILE A 1 19 ? 7.318   -1.366  3.922   1.00 14.82 ? 138 ILE K N   1 
ATOM   160 C CA  . ILE A 1 19 ? 6.611   -0.119  4.314   1.00 16.60 ? 138 ILE K CA  1 
ATOM   161 C C   . ILE A 1 19 ? 5.214   -0.477  4.904   1.00 18.89 ? 138 ILE K C   1 
ATOM   162 O O   . ILE A 1 19 ? 4.805   0.071   5.987   1.00 18.53 ? 138 ILE K O   1 
ATOM   163 C CB  . ILE A 1 19 ? 6.470   0.722   3.089   1.00 14.89 ? 138 ILE K CB  1 
ATOM   164 C CG1 . ILE A 1 19 ? 7.842   1.287   2.712   1.00 17.30 ? 138 ILE K CG1 1 
ATOM   165 C CG2 . ILE A 1 19 ? 5.439   1.908   3.345   1.00 17.89 ? 138 ILE K CG2 1 
ATOM   166 C CD1 . ILE A 1 19 ? 7.933   1.841   1.339   1.00 20.12 ? 138 ILE K CD1 1 
ATOM   167 N N   . LEU A 1 20 ? 4.495   -1.364  4.268   1.00 17.22 ? 139 LEU K N   1 
ATOM   168 C CA  . LEU A 1 20 ? 3.140   -1.745  4.833   1.00 14.94 ? 139 LEU K CA  1 
ATOM   169 C C   . LEU A 1 20 ? 3.235   -2.349  6.175   1.00 22.27 ? 139 LEU K C   1 
ATOM   170 O O   . LEU A 1 20 ? 2.404   -2.074  7.064   1.00 20.98 ? 139 LEU K O   1 
ATOM   171 C CB  . LEU A 1 20 ? 2.471   -2.685  3.830   1.00 17.50 ? 139 LEU K CB  1 
ATOM   172 C CG  . LEU A 1 20 ? 2.335   -2.275  2.371   1.00 18.17 ? 139 LEU K CG  1 
ATOM   173 C CD1 . LEU A 1 20 ? 1.921   -3.445  1.453   1.00 22.03 ? 139 LEU K CD1 1 
ATOM   174 C CD2 . LEU A 1 20 ? 1.142   -1.389  2.438   1.00 24.07 ? 139 LEU K CD2 1 
ATOM   175 N N   . GLU A 1 21 ? 4.209   -3.225  6.424   1.00 19.36 ? 140 GLU K N   1 
ATOM   176 C CA  . GLU A 1 21 ? 4.320   -3.794  7.759   1.00 18.68 ? 140 GLU K CA  1 
ATOM   177 C C   . GLU A 1 21 ? 4.715   -2.755  8.750   1.00 19.86 ? 140 GLU K C   1 
ATOM   178 O O   . GLU A 1 21 ? 4.149   -2.741  9.913   1.00 23.49 ? 140 GLU K O   1 
ATOM   179 C CB  . GLU A 1 21 ? 5.398   -4.935  7.683   1.00 22.11 ? 140 GLU K CB  1 
ATOM   180 C CG  . GLU A 1 21 ? 4.890   -6.012  6.942   1.00 26.51 ? 140 GLU K CG  1 
ATOM   181 C CD  . GLU A 1 21 ? 5.876   -7.158  6.751   1.00 46.26 ? 140 GLU K CD  1 
ATOM   182 O OE1 . GLU A 1 21 ? 7.115   -6.892  6.977   1.00 46.55 ? 140 GLU K OE1 1 
ATOM   183 O OE2 . GLU A 1 21 ? 5.378   -8.277  6.374   1.00 44.29 ? 140 GLU K OE2 1 
ATOM   184 N N   . LYS A 1 22 ? 5.658   -1.850  8.432   1.00 18.64 ? 141 LYS K N   1 
ATOM   185 C CA  . LYS A 1 22 ? 6.183   -0.813  9.364   1.00 21.14 ? 141 LYS K CA  1 
ATOM   186 C C   . LYS A 1 22 ? 5.027   0.066   9.848   1.00 26.36 ? 141 LYS K C   1 
ATOM   187 O O   . LYS A 1 22 ? 4.941   0.413   11.020  1.00 26.33 ? 141 LYS K O   1 
ATOM   188 C CB  . LYS A 1 22 ? 7.239   0.055   8.664   1.00 21.24 ? 141 LYS K CB  1 
ATOM   189 C CG  . LYS A 1 22 ? 7.630   1.245   9.454   1.00 32.04 ? 141 LYS K CG  1 
ATOM   190 C CD  . LYS A 1 22 ? 8.715   2.107   8.788   1.00 39.89 ? 141 LYS K CD  1 
ATOM   191 C CE  . LYS A 1 22 ? 8.980   3.333   9.790   1.00 49.02 ? 141 LYS K CE  1 
ATOM   192 N NZ  . LYS A 1 22 ? 9.849   4.518   9.361   1.00 49.21 ? 141 LYS K NZ  1 
ATOM   193 N N   . HIS A 1 23 ? 4.086   0.294   8.955   1.00 18.49 ? 142 HIS K N   1 
ATOM   194 C CA  . HIS A 1 23 ? 2.970   1.246   9.259   1.00 18.49 ? 142 HIS K CA  1 
ATOM   195 C C   . HIS A 1 23 ? 1.699   0.552   9.490   1.00 21.03 ? 142 HIS K C   1 
ATOM   196 O O   . HIS A 1 23 ? 0.637   1.253   9.625   1.00 23.51 ? 142 HIS K O   1 
ATOM   197 C CB  . HIS A 1 23 ? 2.847   2.249   8.088   1.00 19.87 ? 142 HIS K CB  1 
ATOM   198 C CG  . HIS A 1 23 ? 3.983   3.196   7.961   1.00 21.89 ? 142 HIS K CG  1 
ATOM   199 N ND1 . HIS A 1 23 ? 4.170   4.260   8.835   1.00 26.85 ? 142 HIS K ND1 1 
ATOM   200 C CD2 . HIS A 1 23 ? 5.090   3.164   7.180   1.00 20.20 ? 142 HIS K CD2 1 
ATOM   201 C CE1 . HIS A 1 23 ? 5.336   4.827   8.578   1.00 27.28 ? 142 HIS K CE1 1 
ATOM   202 N NE2 . HIS A 1 23 ? 5.914   4.184   7.569   1.00 26.05 ? 142 HIS K NE2 1 
ATOM   203 N N   . SER A 1 24 ? 1.656   -0.778  9.614   1.00 19.79 ? 143 SER K N   1 
ATOM   204 C CA  . SER A 1 24 ? 0.424   -1.551  9.799   1.00 20.83 ? 143 SER K CA  1 
ATOM   205 C C   . SER A 1 24 ? -0.654  -1.179  8.852   1.00 25.91 ? 143 SER K C   1 
ATOM   206 O O   . SER A 1 24 ? -1.810  -0.907  9.260   1.00 26.13 ? 143 SER K O   1 
ATOM   207 C CB  . SER A 1 24 ? -0.103  -1.377  11.206  1.00 28.14 ? 143 SER K CB  1 
ATOM   208 O OG  . SER A 1 24 ? 0.911   -1.853  12.073  1.00 32.98 ? 143 SER K OG  1 
ATOM   209 N N   . LEU A 1 25 ? -0.313  -1.214  7.581   1.00 18.12 ? 144 LEU K N   1 
ATOM   210 C CA  . LEU A 1 25 ? -1.252  -0.863  6.480   1.00 17.85 ? 144 LEU K CA  1 
ATOM   211 C C   . LEU A 1 25 ? -1.796  -2.051  5.760   1.00 23.90 ? 144 LEU K C   1 
ATOM   212 O O   . LEU A 1 25 ? -1.147  -3.064  5.570   1.00 23.79 ? 144 LEU K O   1 
ATOM   213 C CB  . LEU A 1 25 ? -0.573  0.082   5.445   1.00 18.48 ? 144 LEU K CB  1 
ATOM   214 C CG  . LEU A 1 25 ? 0.117   1.364   5.964   1.00 24.63 ? 144 LEU K CG  1 
ATOM   215 C CD1 . LEU A 1 25 ? 1.097   1.890   5.022   1.00 23.56 ? 144 LEU K CD1 1 
ATOM   216 C CD2 . LEU A 1 25 ? -0.885  2.391   6.269   1.00 26.01 ? 144 LEU K CD2 1 
ATOM   217 N N   . ASP A 1 26 ? -2.989  -1.852  5.164   1.00 23.14 ? 145 ASP K N   1 
ATOM   218 C CA  . ASP A 1 26 ? -3.736  -2.867  4.445   1.00 27.57 ? 145 ASP K CA  1 
ATOM   219 C C   . ASP A 1 26 ? -3.475  -2.660  2.935   1.00 21.69 ? 145 ASP K C   1 
ATOM   220 O O   . ASP A 1 26 ? -4.049  -1.634  2.446   1.00 22.46 ? 145 ASP K O   1 
ATOM   221 C CB  . ASP A 1 26 ? -5.237  -2.575  4.789   1.00 32.43 ? 145 ASP K CB  1 
ATOM   222 C CG  . ASP A 1 26 ? -6.221  -3.519  4.025   1.00 38.37 ? 145 ASP K CG  1 
ATOM   223 O OD1 . ASP A 1 26 ? -5.709  -4.400  3.251   1.00 36.62 ? 145 ASP K OD1 1 
ATOM   224 O OD2 . ASP A 1 26 ? -7.504  -3.360  4.222   1.00 41.60 ? 145 ASP K OD2 1 
ATOM   225 N N   . ALA A 1 27 ? -2.660  -3.436  2.213   1.00 20.52 ? 146 ALA K N   1 
ATOM   226 C CA  . ALA A 1 27 ? -2.399  -3.198  0.818   1.00 16.85 ? 146 ALA K CA  1 
ATOM   227 C C   . ALA A 1 27 ? -3.646  -3.246  -0.096  1.00 15.21 ? 146 ALA K C   1 
ATOM   228 O O   . ALA A 1 27 ? -3.637  -2.751  -1.202  1.00 18.98 ? 146 ALA K O   1 
ATOM   229 C CB  . ALA A 1 27 ? -1.275  -4.217  0.156   1.00 26.09 ? 146 ALA K CB  1 
ATOM   230 N N   . SER A 1 28 ? -4.688  -3.914  0.456   1.00 21.39 ? 147 SER K N   1 
ATOM   231 C CA  . SER A 1 28 ? -5.827  -4.001  -0.450  1.00 22.81 ? 147 SER K CA  1 
ATOM   232 C C   . SER A 1 28 ? -6.558  -2.636  -0.592  1.00 17.86 ? 147 SER K C   1 
ATOM   233 O O   . SER A 1 28 ? -7.379  -2.459  -1.507  1.00 20.86 ? 147 SER K O   1 
ATOM   234 C CB  . SER A 1 28 ? -6.765  -5.113  0.052   1.00 25.50 ? 147 SER K CB  1 
ATOM   235 O OG  . SER A 1 28 ? -7.435  -4.621  1.149   1.00 28.24 ? 147 SER K OG  1 
ATOM   236 N N   . GLN A 1 29 ? -6.182  -1.657  0.233   1.00 17.51 ? 148 GLN K N   1 
ATOM   237 C CA  . GLN A 1 29 ? -6.752  -0.277  0.107   1.00 17.60 ? 148 GLN K CA  1 
ATOM   238 C C   . GLN A 1 29 ? -5.988  0.533   -0.932  1.00 16.12 ? 148 GLN K C   1 
ATOM   239 O O   . GLN A 1 29 ? -6.352  1.642   -1.348  1.00 15.85 ? 148 GLN K O   1 
ATOM   240 C CB  . GLN A 1 29 ? -6.742  0.516   1.435   1.00 18.51 ? 148 GLN K CB  1 
ATOM   241 C CG  . GLN A 1 29 ? -7.394  -0.272  2.574   1.00 18.21 ? 148 GLN K CG  1 
ATOM   242 C CD  . GLN A 1 29 ? -8.881  -0.484  2.231   1.00 17.33 ? 148 GLN K CD  1 
ATOM   243 O OE1 . GLN A 1 29 ? -9.392  0.422   1.644   1.00 17.68 ? 148 GLN K OE1 1 
ATOM   244 N NE2 . GLN A 1 29 ? -9.450  -1.645  2.562   1.00 22.74 ? 148 GLN K NE2 1 
ATOM   245 N N   . GLY A 1 30 ? -4.834  -0.047  -1.400  1.00 15.50 ? 149 GLY K N   1 
ATOM   246 C CA  . GLY A 1 30 ? -4.058  0.631   -2.421  1.00 15.34 ? 149 GLY K CA  1 
ATOM   247 C C   . GLY A 1 30 ? -4.292  0.064   -3.819  1.00 18.37 ? 149 GLY K C   1 
ATOM   248 O O   . GLY A 1 30 ? -5.344  -0.668  -4.002  1.00 19.41 ? 149 GLY K O   1 
ATOM   249 N N   . THR A 1 31 ? -3.566  0.535   -4.801  1.00 15.92 ? 150 THR K N   1 
ATOM   250 C CA  . THR A 1 31 ? -3.624  -0.028  -6.144  1.00 15.57 ? 150 THR K CA  1 
ATOM   251 C C   . THR A 1 31 ? -2.213  -0.373  -6.613  1.00 16.95 ? 150 THR K C   1 
ATOM   252 O O   . THR A 1 31 ? -1.262  0.302   -6.154  1.00 17.51 ? 150 THR K O   1 
ATOM   253 C CB  . THR A 1 31 ? -4.150  0.893   -7.186  1.00 17.26 ? 150 THR K CB  1 
ATOM   254 O OG1 . THR A 1 31 ? -3.508  2.131   -7.180  1.00 20.32 ? 150 THR K OG1 1 
ATOM   255 C CG2 . THR A 1 31 ? -5.738  1.217   -6.740  1.00 18.71 ? 150 THR K CG2 1 
ATOM   256 N N   . ALA A 1 32 ? -2.114  -1.418  -7.409  1.00 17.59 ? 151 ALA K N   1 
ATOM   257 C CA  . ALA A 1 32 ? -0.773  -1.810  -7.936  1.00 16.66 ? 151 ALA K CA  1 
ATOM   258 C C   . ALA A 1 32 ? -0.555  -1.114  -9.239  1.00 17.54 ? 151 ALA K C   1 
ATOM   259 O O   . ALA A 1 32 ? -1.283  -1.376  -10.205 1.00 22.64 ? 151 ALA K O   1 
ATOM   260 C CB  . ALA A 1 32 ? -0.707  -3.333  -8.078  1.00 15.73 ? 151 ALA K CB  1 
ATOM   261 N N   . THR A 1 33 ? 0.473   -0.337  -9.354  1.00 17.60 ? 152 THR K N   1 
ATOM   262 C CA  . THR A 1 33 ? 0.713   0.391   -10.578 1.00 18.24 ? 152 THR K CA  1 
ATOM   263 C C   . THR A 1 33 ? 1.997   0.051   -11.290 1.00 19.80 ? 152 THR K C   1 
ATOM   264 O O   . THR A 1 33 ? 2.387   0.755   -12.261 1.00 22.70 ? 152 THR K O   1 
ATOM   265 C CB  . THR A 1 33 ? 0.660   1.942   -10.356 1.00 20.49 ? 152 THR K CB  1 
ATOM   266 O OG1 . THR A 1 33 ? 1.639   2.390   -9.398  1.00 20.97 ? 152 THR K OG1 1 
ATOM   267 C CG2 . THR A 1 33 ? -0.714  2.314   -9.744  1.00 22.47 ? 152 THR K CG2 1 
ATOM   268 N N   . GLY A 1 34 ? 2.732   -0.925  -10.729 1.00 19.54 ? 153 GLY K N   1 
ATOM   269 C CA  . GLY A 1 34 ? 3.959   -1.335  -11.452 1.00 19.81 ? 153 GLY K CA  1 
ATOM   270 C C   . GLY A 1 34 ? 3.615   -2.227  -12.622 1.00 20.61 ? 153 GLY K C   1 
ATOM   271 O O   . GLY A 1 34 ? 2.522   -2.650  -12.848 1.00 20.68 ? 153 GLY K O   1 
ATOM   272 N N   . PRO A 1 35 ? 4.643   -2.574  -13.426 1.00 25.19 ? 154 PRO K N   1 
ATOM   273 C CA  . PRO A 1 35 ? 4.459   -3.426  -14.578 1.00 25.32 ? 154 PRO K CA  1 
ATOM   274 C C   . PRO A 1 35 ? 3.850   -4.769  -14.152 1.00 22.28 ? 154 PRO K C   1 
ATOM   275 O O   . PRO A 1 35 ? 4.162   -5.350  -13.134 1.00 22.16 ? 154 PRO K O   1 
ATOM   276 C CB  . PRO A 1 35 ? 5.885   -3.585  -15.127 1.00 28.34 ? 154 PRO K CB  1 
ATOM   277 C CG  . PRO A 1 35 ? 6.796   -3.063  -14.072 1.00 34.57 ? 154 PRO K CG  1 
ATOM   278 C CD  . PRO A 1 35 ? 6.031   -2.165  -13.120 1.00 27.60 ? 154 PRO K CD  1 
ATOM   279 N N   . ARG A 1 36 ? 2.909   -5.266  -14.946 1.00 24.25 ? 155 ARG K N   1 
ATOM   280 C CA  . ARG A 1 36 ? 2.211   -6.515  -14.720 1.00 25.19 ? 155 ARG K CA  1 
ATOM   281 C C   . ARG A 1 36 ? 1.563   -6.686  -13.367 1.00 19.54 ? 155 ARG K C   1 
ATOM   282 O O   . ARG A 1 36 ? 1.464   -7.740  -12.804 1.00 24.62 ? 155 ARG K O   1 
ATOM   283 C CB  . ARG A 1 36 ? 3.150   -7.717  -15.023 1.00 23.07 ? 155 ARG K CB  1 
ATOM   284 C CG  . ARG A 1 36 ? 3.712   -7.593  -16.436 1.00 26.93 ? 155 ARG K CG  1 
ATOM   285 C CD  . ARG A 1 36 ? 4.292   -8.890  -16.778 1.00 30.40 ? 155 ARG K CD  1 
ATOM   286 N NE  . ARG A 1 36 ? 4.965   -8.800  -18.069 1.00 36.27 ? 155 ARG K NE  1 
ATOM   287 C CZ  . ARG A 1 36 ? 6.210   -8.355  -18.259 1.00 37.06 ? 155 ARG K CZ  1 
ATOM   288 N NH1 . ARG A 1 36 ? 6.989   -7.934  -17.245 1.00 35.81 ? 155 ARG K NH1 1 
ATOM   289 N NH2 . ARG A 1 36 ? 6.681   -8.309  -19.528 1.00 41.71 ? 155 ARG K NH2 1 
ATOM   290 N N   . GLY A 1 37 ? 1.129   -5.526  -12.852 1.00 22.02 ? 156 GLY K N   1 
ATOM   291 C CA  . GLY A 1 37 ? 0.397   -5.544  -11.636 1.00 19.78 ? 156 GLY K CA  1 
ATOM   292 C C   . GLY A 1 37 ? 1.167   -5.612  -10.301 1.00 17.08 ? 156 GLY K C   1 
ATOM   293 O O   . GLY A 1 37 ? 0.643   -6.012  -9.288  1.00 16.69 ? 156 GLY K O   1 
ATOM   294 N N   . ILE A 1 38 ? 2.472   -5.378  -10.420 1.00 16.01 ? 157 ILE K N   1 
ATOM   295 C CA  . ILE A 1 38 ? 3.265   -5.344  -9.194  1.00 16.75 ? 157 ILE K CA  1 
ATOM   296 C C   . ILE A 1 38 ? 2.905   -4.113  -8.316  1.00 13.14 ? 157 ILE K C   1 
ATOM   297 O O   . ILE A 1 38 ? 2.740   -3.016  -8.809  1.00 15.48 ? 157 ILE K O   1 
ATOM   298 C CB  . ILE A 1 38 ? 4.772   -5.320  -9.567  1.00 17.49 ? 157 ILE K CB  1 
ATOM   299 C CG1 . ILE A 1 38 ? 5.127   -6.680  -10.261 1.00 22.73 ? 157 ILE K CG1 1 
ATOM   300 C CG2 . ILE A 1 38 ? 5.639   -5.062  -8.345  1.00 20.73 ? 157 ILE K CG2 1 
ATOM   301 C CD1 . ILE A 1 38 ? 4.519   -7.957  -9.810  1.00 24.54 ? 157 ILE K CD1 1 
ATOM   302 N N   . PHE A 1 39 ? 2.821   -4.346  -7.017  1.00 13.71 ? 158 PHE K N   1 
ATOM   303 C CA  . PHE A 1 39 ? 2.495   -3.281  -6.056  1.00 14.11 ? 158 PHE K CA  1 
ATOM   304 C C   . PHE A 1 39 ? 3.844   -2.725  -5.565  1.00 14.23 ? 158 PHE K C   1 
ATOM   305 O O   . PHE A 1 39 ? 4.575   -3.425  -4.828  1.00 14.79 ? 158 PHE K O   1 
ATOM   306 C CB  . PHE A 1 39 ? 1.665   -3.914  -4.921  1.00 14.63 ? 158 PHE K CB  1 
ATOM   307 C CG  . PHE A 1 39 ? 1.060   -2.937  -3.961  1.00 12.71 ? 158 PHE K CG  1 
ATOM   308 C CD1 . PHE A 1 39 ? 1.782   -2.293  -2.981  1.00 12.75 ? 158 PHE K CD1 1 
ATOM   309 C CD2 . PHE A 1 39 ? -0.315  -2.644  -4.100  1.00 16.66 ? 158 PHE K CD2 1 
ATOM   310 C CE1 . PHE A 1 39 ? 1.271   -1.400  -2.117  1.00 14.83 ? 158 PHE K CE1 1 
ATOM   311 C CE2 . PHE A 1 39 ? -0.906  -1.704  -3.184  1.00 16.30 ? 158 PHE K CE2 1 
ATOM   312 C CZ  . PHE A 1 39 ? -0.117  -1.096  -2.213  1.00 15.10 ? 158 PHE K CZ  1 
ATOM   313 N N   . THR A 1 40 ? 4.085   -1.494  -5.982  1.00 14.21 ? 159 THR K N   1 
ATOM   314 C CA  . THR A 1 40 ? 5.443   -0.926  -5.842  1.00 13.22 ? 159 THR K CA  1 
ATOM   315 C C   . THR A 1 40 ? 5.652   -0.171  -4.572  1.00 16.00 ? 159 THR K C   1 
ATOM   316 O O   . THR A 1 40 ? 4.720   0.053   -3.724  1.00 14.14 ? 159 THR K O   1 
ATOM   317 C CB  . THR A 1 40 ? 5.662   0.039   -6.971  1.00 14.83 ? 159 THR K CB  1 
ATOM   318 O OG1 . THR A 1 40 ? 4.766   1.188   -6.769  1.00 16.72 ? 159 THR K OG1 1 
ATOM   319 C CG2 . THR A 1 40 ? 5.441   -0.524  -8.348  1.00 16.45 ? 159 THR K CG2 1 
ATOM   320 N N   . LYS A 1 41 ? 6.909   0.239   -4.298  1.00 13.94 ? 160 LYS K N   1 
ATOM   321 C CA  . LYS A 1 41 ? 7.199   1.090   -3.147  1.00 14.34 ? 160 LYS K CA  1 
ATOM   322 C C   . LYS A 1 41 ? 6.291   2.357   -3.188  1.00 14.43 ? 160 LYS K C   1 
ATOM   323 O O   . LYS A 1 41 ? 5.762   2.722   -2.128  1.00 16.67 ? 160 LYS K O   1 
ATOM   324 C CB  . LYS A 1 41 ? 8.695   1.533   -3.308  1.00 18.01 ? 160 LYS K CB  1 
ATOM   325 C CG  . LYS A 1 41 ? 9.207   2.350   -2.095  1.00 20.79 ? 160 LYS K CG  1 
ATOM   326 C CD  . LYS A 1 41 ? 10.677  2.810   -2.345  1.00 23.46 ? 160 LYS K CD  1 
ATOM   327 C CE  . LYS A 1 41 ? 11.060  3.732   -1.191  1.00 31.89 ? 160 LYS K CE  1 
ATOM   328 N NZ  . LYS A 1 41 ? 12.574  3.956   -1.090  1.00 36.48 ? 160 LYS K NZ  1 
ATOM   329 N N   . GLU A 1 42 ? 6.148   2.939   -4.363  1.00 14.89 ? 161 GLU K N   1 
ATOM   330 C CA  . GLU A 1 42 ? 5.377   4.198   -4.463  1.00 16.07 ? 161 GLU K CA  1 
ATOM   331 C C   . GLU A 1 42 ? 3.919   3.870   -4.136  1.00 15.68 ? 161 GLU K C   1 
ATOM   332 O O   . GLU A 1 42 ? 3.229   4.718   -3.504  1.00 17.10 ? 161 GLU K O   1 
ATOM   333 C CB  . GLU A 1 42 ? 5.479   4.758   -5.825  1.00 18.07 ? 161 GLU K CB  1 
ATOM   334 C CG  . GLU A 1 42 ? 6.917   5.282   -6.208  1.00 24.38 ? 161 GLU K CG  1 
ATOM   335 C CD  . GLU A 1 42 ? 8.055   4.143   -6.388  1.00 35.69 ? 161 GLU K CD  1 
ATOM   336 O OE1 . GLU A 1 42 ? 9.219   4.626   -6.265  1.00 40.74 ? 161 GLU K OE1 1 
ATOM   337 O OE2 . GLU A 1 42 ? 7.841   2.889   -6.627  1.00 20.29 ? 161 GLU K OE2 1 
ATOM   338 N N   . ASP A 1 43 ? 3.423   2.716   -4.528  1.00 13.43 ? 162 ASP K N   1 
ATOM   339 C CA  . ASP A 1 43 ? 2.001   2.365   -4.168  1.00 14.00 ? 162 ASP K CA  1 
ATOM   340 C C   . ASP A 1 43 ? 1.860   2.266   -2.690  1.00 15.72 ? 162 ASP K C   1 
ATOM   341 O O   . ASP A 1 43 ? 0.796   2.651   -2.086  1.00 15.42 ? 162 ASP K O   1 
ATOM   342 C CB  . ASP A 1 43 ? 1.580   1.043   -4.796  1.00 12.60 ? 162 ASP K CB  1 
ATOM   343 C CG  . ASP A 1 43 ? 1.558   1.105   -6.273  1.00 14.61 ? 162 ASP K CG  1 
ATOM   344 O OD1 . ASP A 1 43 ? 1.901   0.051   -6.961  1.00 15.61 ? 162 ASP K OD1 1 
ATOM   345 O OD2 . ASP A 1 43 ? 1.207   2.155   -6.910  1.00 16.82 ? 162 ASP K OD2 1 
ATOM   346 N N   . ALA A 1 44 ? 2.814   1.685   -1.925  1.00 15.09 ? 163 ALA K N   1 
ATOM   347 C CA  . ALA A 1 44 ? 2.699   1.636   -0.448  1.00 12.79 ? 163 ALA K CA  1 
ATOM   348 C C   . ALA A 1 44 ? 2.871   3.042   0.138   1.00 13.73 ? 163 ALA K C   1 
ATOM   349 O O   . ALA A 1 44 ? 2.193   3.341   1.134   1.00 15.67 ? 163 ALA K O   1 
ATOM   350 C CB  . ALA A 1 44 ? 3.866   0.686   0.110   1.00 15.05 ? 163 ALA K CB  1 
ATOM   351 N N   . LEU A 1 45 ? 3.762   3.875   -0.446  1.00 14.60 ? 164 LEU K N   1 
ATOM   352 C CA  . LEU A 1 45 ? 3.910   5.246   0.152   1.00 15.48 ? 164 LEU K CA  1 
ATOM   353 C C   . LEU A 1 45 ? 2.604   6.053   0.005   1.00 17.20 ? 164 LEU K C   1 
ATOM   354 O O   . LEU A 1 45 ? 2.293   6.915   0.887   1.00 17.38 ? 164 LEU K O   1 
ATOM   355 C CB  . LEU A 1 45 ? 5.038   5.966   -0.545  1.00 16.37 ? 164 LEU K CB  1 
ATOM   356 C CG  . LEU A 1 45 ? 6.413   5.341   -0.163  1.00 18.27 ? 164 LEU K CG  1 
ATOM   357 C CD1 . LEU A 1 45 ? 7.468   6.035   -1.069  1.00 21.58 ? 164 LEU K CD1 1 
ATOM   358 C CD2 . LEU A 1 45 ? 6.770   5.584   1.268   1.00 17.95 ? 164 LEU K CD2 1 
ATOM   359 N N   . LYS A 1 46 ? 1.823   5.719   -0.988  1.00 14.27 ? 165 LYS K N   1 
ATOM   360 C CA  . LYS A 1 46 ? 0.509   6.487   -1.115  1.00 13.75 ? 165 LYS K CA  1 
ATOM   361 C C   . LYS A 1 46 ? -0.313  6.096   0.105   1.00 15.92 ? 165 LYS K C   1 
ATOM   362 O O   . LYS A 1 46 ? -1.130  6.931   0.613   1.00 15.52 ? 165 LYS K O   1 
ATOM   363 C CB  . LYS A 1 46 ? -0.234  6.104   -2.368  1.00 16.68 ? 165 LYS K CB  1 
ATOM   364 C CG  . LYS A 1 46 ? 0.326   6.647   -3.691  1.00 21.51 ? 165 LYS K CG  1 
ATOM   365 C CD  . LYS A 1 46 ? -0.829  6.392   -4.793  1.00 28.03 ? 165 LYS K CD  1 
ATOM   366 C CE  . LYS A 1 46 ? -0.353  6.467   -6.198  1.00 39.30 ? 165 LYS K CE  1 
ATOM   367 N NZ  . LYS A 1 46 ? -1.600  5.913   -6.850  1.00 29.47 ? 165 LYS K NZ  1 
ATOM   368 N N   . LEU A 1 47 ? -0.289  4.826   0.581   1.00 13.66 ? 166 LEU K N   1 
ATOM   369 C CA  . LEU A 1 47 ? -1.044  4.443   1.767   1.00 14.86 ? 166 LEU K CA  1 
ATOM   370 C C   . LEU A 1 47 ? -0.488  5.077   3.064   1.00 13.77 ? 166 LEU K C   1 
ATOM   371 O O   . LEU A 1 47 ? -1.238  5.363   3.996   1.00 14.89 ? 166 LEU K O   1 
ATOM   372 C CB  . LEU A 1 47 ? -1.163  2.855   1.891   1.00 14.95 ? 166 LEU K CB  1 
ATOM   373 C CG  . LEU A 1 47 ? -1.868  2.288   0.693   1.00 12.69 ? 166 LEU K CG  1 
ATOM   374 C CD1 . LEU A 1 47 ? -1.992  0.807   1.006   1.00 14.38 ? 166 LEU K CD1 1 
ATOM   375 C CD2 . LEU A 1 47 ? -3.305  2.887   0.667   1.00 16.91 ? 166 LEU K CD2 1 
ATOM   376 N N   . VAL A 1 48 ? 0.860   5.244   3.121   1.00 12.89 ? 167 VAL K N   1 
ATOM   377 C CA  . VAL A 1 48 ? 1.416   5.972   4.246   1.00 14.39 ? 167 VAL K CA  1 
ATOM   378 C C   . VAL A 1 48 ? 0.815   7.451   4.208   1.00 13.61 ? 167 VAL K C   1 
ATOM   379 O O   . VAL A 1 48 ? 0.451   7.896   5.366   1.00 14.15 ? 167 VAL K O   1 
ATOM   380 C CB  . VAL A 1 48 ? 2.931   6.037   4.043   1.00 15.38 ? 167 VAL K CB  1 
ATOM   381 C CG1 . VAL A 1 48 ? 3.521   6.913   5.168   1.00 18.04 ? 167 VAL K CG1 1 
ATOM   382 C CG2 . VAL A 1 48 ? 3.518   4.658   4.310   1.00 17.24 ? 167 VAL K CG2 1 
ATOM   383 N N   . GLN A 1 49 ? 0.789   8.061   3.061   1.00 14.30 ? 168 GLN K N   1 
ATOM   384 C CA  . GLN A 1 49 ? 0.303   9.507   2.961   1.00 13.19 ? 168 GLN K CA  1 
ATOM   385 C C   . GLN A 1 49 ? -1.136  9.514   3.350   1.00 15.12 ? 168 GLN K C   1 
ATOM   386 O O   . GLN A 1 49 ? -1.585  10.457  4.054   1.00 17.05 ? 168 GLN K O   1 
ATOM   387 C CB  . GLN A 1 49 ? 0.520   10.004  1.635   1.00 16.46 ? 168 GLN K CB  1 
ATOM   388 C CG  . GLN A 1 49 ? 2.003   10.348  1.582   1.00 22.25 ? 168 GLN K CG  1 
ATOM   389 C CD  . GLN A 1 49 ? 2.289   11.240  0.426   1.00 34.51 ? 168 GLN K CD  1 
ATOM   390 O OE1 . GLN A 1 49 ? 1.709   11.066  -0.659  1.00 38.81 ? 168 GLN K OE1 1 
ATOM   391 N NE2 . GLN A 1 49 ? 3.183   12.227  0.636   1.00 39.49 ? 168 GLN K NE2 1 
ATOM   392 N N   . LEU A 1 50 ? -1.912  8.471   2.986   1.00 13.84 ? 169 LEU K N   1 
ATOM   393 C CA  . LEU A 1 50 ? -3.346  8.475   3.366   1.00 13.32 ? 169 LEU K CA  1 
ATOM   394 C C   . LEU A 1 50 ? -3.485  8.305   4.878   1.00 17.02 ? 169 LEU K C   1 
ATOM   395 O O   . LEU A 1 50 ? -4.349  8.956   5.534   1.00 15.84 ? 169 LEU K O   1 
ATOM   396 C CB  . LEU A 1 50 ? -3.983  7.256   2.625   1.00 14.56 ? 169 LEU K CB  1 
ATOM   397 C CG  . LEU A 1 50 ? -5.510  7.027   2.902   1.00 14.28 ? 169 LEU K CG  1 
ATOM   398 C CD1 . LEU A 1 50 ? -6.299  8.159   2.228   1.00 20.44 ? 169 LEU K CD1 1 
ATOM   399 C CD2 . LEU A 1 50 ? -5.950  5.615   2.289   1.00 17.03 ? 169 LEU K CD2 1 
ATOM   400 N N   . LYS A 1 51 ? -2.690  7.454   5.553   1.00 14.04 ? 170 LYS K N   1 
ATOM   401 C CA  . LYS A 1 51 ? -2.784  7.320   6.990   1.00 14.29 ? 170 LYS K CA  1 
ATOM   402 C C   . LYS A 1 51 ? -2.386  8.676   7.636   1.00 15.39 ? 170 LYS K C   1 
ATOM   403 O O   . LYS A 1 51 ? -3.049  9.100   8.594   1.00 14.93 ? 170 LYS K O   1 
ATOM   404 C CB  . LYS A 1 51 ? -1.806  6.203   7.446   1.00 16.87 ? 170 LYS K CB  1 
ATOM   405 C CG  . LYS A 1 51 ? -1.863  6.000   8.911   1.00 18.03 ? 170 LYS K CG  1 
ATOM   406 C CD  . LYS A 1 51 ? -1.051  4.729   9.271   1.00 20.17 ? 170 LYS K CD  1 
ATOM   407 C CE  . LYS A 1 51 ? -1.015  4.647   10.808  1.00 24.87 ? 170 LYS K CE  1 
ATOM   408 N NZ  . LYS A 1 51 ? -0.215  3.432   11.260  1.00 28.56 ? 170 LYS K NZ  1 
ATOM   409 N N   . GLN A 1 52 ? -1.292  9.292   7.142   1.00 13.40 ? 171 GLN K N   1 
ATOM   410 C CA  . GLN A 1 52 ? -0.932  10.612  7.717   1.00 12.67 ? 171 GLN K CA  1 
ATOM   411 C C   . GLN A 1 52 ? -2.097  11.616  7.559   1.00 16.61 ? 171 GLN K C   1 
ATOM   412 O O   . GLN A 1 52 ? -2.316  12.404  8.496   1.00 17.12 ? 171 GLN K O   1 
ATOM   413 C CB  . GLN A 1 52 ? 0.235   11.179  6.976   1.00 13.94 ? 171 GLN K CB  1 
ATOM   414 C CG  . GLN A 1 52 ? 1.542   10.348  7.252   1.00 13.98 ? 171 GLN K CG  1 
ATOM   415 C CD  . GLN A 1 52 ? 2.632   10.772  6.280   1.00 15.20 ? 171 GLN K CD  1 
ATOM   416 O OE1 . GLN A 1 52 ? 2.443   11.542  5.280   1.00 18.44 ? 171 GLN K OE1 1 
ATOM   417 N NE2 . GLN A 1 52 ? 3.921   10.249  6.538   1.00 18.78 ? 171 GLN K NE2 1 
ATOM   418 N N   . THR A 1 53 ? -2.768  11.563  6.410   1.00 15.02 ? 172 THR K N   1 
ATOM   419 C CA  . THR A 1 53 ? -3.908  12.504  6.174   1.00 15.18 ? 172 THR K CA  1 
ATOM   420 C C   . THR A 1 53 ? -4.946  12.274  7.196   1.00 18.83 ? 172 THR K C   1 
ATOM   421 O O   . THR A 1 53 ? -5.458  13.322  7.725   1.00 17.18 ? 172 THR K O   1 
ATOM   422 C CB  . THR A 1 53 ? -4.429  12.187  4.771   1.00 14.16 ? 172 THR K CB  1 
ATOM   423 O OG1 . THR A 1 53 ? -3.543  12.582  3.768   1.00 16.36 ? 172 THR K OG1 1 
ATOM   424 C CG2 . THR A 1 53 ? -5.713  13.131  4.548   1.00 16.16 ? 172 THR K CG2 1 
ATOM   425 N N   . GLY A 1 54 ? -5.307  11.043  7.561   1.00 15.61 ? 173 GLY K N   1 
ATOM   426 C CA  . GLY A 1 54 ? -6.334  10.822  8.569   1.00 14.86 ? 173 GLY K CA  1 
ATOM   427 C C   . GLY A 1 54 ? -5.908  11.426  9.878   1.00 17.79 ? 173 GLY K C   1 
ATOM   428 O O   . GLY A 1 54 ? -6.717  12.071  10.554  1.00 19.47 ? 173 GLY K O   1 
ATOM   429 N N   . LYS A 1 55 ? -4.643  11.270  10.246  1.00 18.12 ? 174 LYS K N   1 
ATOM   430 C CA  . LYS A 1 55 ? -4.193  11.814  11.575  1.00 17.91 ? 174 LYS K CA  1 
ATOM   431 C C   . LYS A 1 55 ? -4.189  13.334  11.520  1.00 21.39 ? 174 LYS K C   1 
ATOM   432 O O   . LYS A 1 55 ? -4.562  13.997  12.546  1.00 22.64 ? 174 LYS K O   1 
ATOM   433 C CB  . LYS A 1 55 ? -2.731  11.335  11.836  1.00 18.02 ? 174 LYS K CB  1 
ATOM   434 C CG  . LYS A 1 55 ? -2.741  9.821   12.155  1.00 20.54 ? 174 LYS K CG  1 
ATOM   435 C CD  . LYS A 1 55 ? -1.325  9.281   12.455  1.00 25.84 ? 174 LYS K CD  1 
ATOM   436 C CE  . LYS A 1 55 ? -1.452  7.858   12.963  1.00 25.53 ? 174 LYS K CE  1 
ATOM   437 N NZ  . LYS A 1 55 ? -0.028  7.459   13.187  1.00 36.04 ? 174 LYS K NZ  1 
ATOM   438 N N   . ILE A 1 56 ? -3.767  13.947  10.435  1.00 16.44 ? 175 ILE K N   1 
ATOM   439 C CA  . ILE A 1 56 ? -3.695  15.416  10.339  1.00 15.84 ? 175 ILE K CA  1 
ATOM   440 C C   . ILE A 1 56 ? -5.109  15.974  10.399  1.00 21.51 ? 175 ILE K C   1 
ATOM   441 O O   . ILE A 1 56 ? -5.344  16.983  11.090  1.00 22.52 ? 175 ILE K O   1 
ATOM   442 C CB  . ILE A 1 56 ? -3.039  15.783  9.012   1.00 17.61 ? 175 ILE K CB  1 
ATOM   443 C CG1 . ILE A 1 56 ? -1.522  15.494  9.048   1.00 18.05 ? 175 ILE K CG1 1 
ATOM   444 C CG2 . ILE A 1 56 ? -3.272  17.358  8.711   1.00 19.73 ? 175 ILE K CG2 1 
ATOM   445 C CD1 . ILE A 1 56 ? -0.921  15.368  7.669   1.00 17.11 ? 175 ILE K CD1 1 
ATOM   446 N N   . LEU A 1 57 ? -6.060  15.390  9.695   1.00 19.57 ? 176 LEU K N   1 
ATOM   447 C CA  . LEU A 1 57 ? -7.476  15.927  9.765   1.00 18.78 ? 176 LEU K CA  1 
ATOM   448 C C   . LEU A 1 57 ? -8.044  15.724  11.147  1.00 26.00 ? 176 LEU K C   1 
ATOM   449 O O   . LEU A 1 57 ? -8.799  16.612  11.619  1.00 25.72 ? 176 LEU K O   1 
ATOM   450 C CB  . LEU A 1 57 ? -8.332  15.203  8.691   1.00 18.01 ? 176 LEU K CB  1 
ATOM   451 C CG  . LEU A 1 57 ? -7.915  15.536  7.292   1.00 18.38 ? 176 LEU K CG  1 
ATOM   452 C CD1 . LEU A 1 57 ? -8.710  14.680  6.265   1.00 18.61 ? 176 LEU K CD1 1 
ATOM   453 C CD2 . LEU A 1 57 ? -8.120  17.099  6.933   1.00 21.08 ? 176 LEU K CD2 1 
ATOM   454 N N   . GLU A 1 58 ? -7.730  14.659  11.861  1.00 24.15 ? 177 GLU K N   1 
ATOM   455 C CA  . GLU A 1 58 ? -8.318  14.434  13.183  1.00 25.93 ? 177 GLU K CA  1 
ATOM   456 C C   . GLU A 1 58 ? -7.746  15.522  14.039  1.00 28.50 ? 177 GLU K C   1 
ATOM   457 O O   . GLU A 1 58 ? -8.447  16.095  14.902  1.00 32.19 ? 177 GLU K O   1 
ATOM   458 C CB  . GLU A 1 58 ? -7.864  13.095  13.641  1.00 30.85 ? 177 GLU K CB  1 
ATOM   459 C CG  . GLU A 1 58 ? -8.382  12.633  14.930  1.00 45.09 ? 177 GLU K CG  1 
ATOM   460 C CD  . GLU A 1 58 ? -8.031  11.156  15.124  1.00 48.52 ? 177 GLU K CD  1 
ATOM   461 O OE1 . GLU A 1 58 ? -6.808  10.815  15.211  1.00 52.02 ? 177 GLU K OE1 1 
ATOM   462 O OE2 . GLU A 1 58 ? -8.985  10.363  15.155  1.00 51.90 ? 177 GLU K OE2 1 
ATOM   463 N N   . HIS A 1 59 ? -6.488  15.845  13.809  1.00 26.01 ? 178 HIS K N   1 
ATOM   464 C CA  . HIS A 1 59 ? -5.914  16.879  14.686  1.00 28.38 ? 178 HIS K CA  1 
ATOM   465 C C   . HIS A 1 59 ? -6.513  18.259  14.454  1.00 28.65 ? 178 HIS K C   1 
ATOM   466 O O   . HIS A 1 59 ? -6.603  19.066  15.419  1.00 35.34 ? 178 HIS K O   1 
ATOM   467 C CB  . HIS A 1 59 ? -4.354  16.929  14.512  1.00 29.70 ? 178 HIS K CB  1 
ATOM   468 C CG  . HIS A 1 59 ? -3.597  15.797  15.173  1.00 35.42 ? 178 HIS K CG  1 
ATOM   469 N ND1 . HIS A 1 59 ? -2.626  15.037  14.529  1.00 46.09 ? 178 HIS K ND1 1 
ATOM   470 C CD2 . HIS A 1 59 ? -3.625  15.324  16.459  1.00 46.35 ? 178 HIS K CD2 1 
ATOM   471 C CE1 . HIS A 1 59 ? -2.089  14.149  15.377  1.00 39.81 ? 178 HIS K CE1 1 
ATOM   472 N NE2 . HIS A 1 59 ? -2.674  14.307  16.561  1.00 45.45 ? 178 HIS K NE2 1 
ATOM   473 N N   . HIS A 1 60 ? -6.943  18.575  13.266  1.00 31.42 ? 179 HIS K N   1 
ATOM   474 C CA  . HIS A 1 60 ? -7.497  19.872  12.982  1.00 31.09 ? 179 HIS K CA  1 
ATOM   475 C C   . HIS A 1 60 ? -8.967  19.946  13.370  1.00 40.91 ? 179 HIS K C   1 
ATOM   476 O O   . HIS A 1 60 ? -9.485  21.048  13.588  1.00 43.76 ? 179 HIS K O   1 
ATOM   477 C CB  . HIS A 1 60 ? -7.341  20.226  11.546  1.00 26.10 ? 179 HIS K CB  1 
ATOM   478 C CG  . HIS A 1 60 ? -5.961  20.699  11.184  1.00 35.70 ? 179 HIS K CG  1 
ATOM   479 N ND1 . HIS A 1 60 ? -5.606  22.036  11.199  1.00 34.56 ? 179 HIS K ND1 1 
ATOM   480 C CD2 . HIS A 1 60 ? -4.851  20.022  10.807  1.00 30.94 ? 179 HIS K CD2 1 
ATOM   481 C CE1 . HIS A 1 60 ? -4.340  22.160  10.852  1.00 35.13 ? 179 HIS K CE1 1 
ATOM   482 N NE2 . HIS A 1 60 ? -3.853  20.950  10.605  1.00 37.26 ? 179 HIS K NE2 1 
ATOM   483 N N   . HIS A 1 61 ? -9.609  18.795  13.510  1.00 46.26 ? 180 HIS K N   1 
ATOM   484 C CA  . HIS A 1 61 ? -11.036 18.718  13.897  1.00 52.40 ? 180 HIS K CA  1 
ATOM   485 C C   . HIS A 1 61 ? -11.186 19.042  15.432  1.00 57.94 ? 180 HIS K C   1 
ATOM   486 O O   . HIS A 1 61 ? -12.034 19.912  15.791  1.00 60.41 ? 180 HIS K O   1 
ATOM   487 C CB  . HIS A 1 61 ? -11.555 17.317  13.536  1.00 53.60 ? 180 HIS K CB  1 
ATOM   488 C CG  . HIS A 1 61 ? -13.027 17.255  13.305  1.00 60.66 ? 180 HIS K CG  1 
ATOM   489 N ND1 . HIS A 1 61 ? -13.752 18.319  12.812  1.00 65.04 ? 180 HIS K ND1 1 
ATOM   490 C CD2 . HIS A 1 61 ? -13.904 16.233  13.439  1.00 65.03 ? 180 HIS K CD2 1 
ATOM   491 C CE1 . HIS A 1 61 ? -15.012 17.955  12.649  1.00 65.96 ? 180 HIS K CE1 1 
ATOM   492 N NE2 . HIS A 1 61 ? -15.130 16.691  13.020  1.00 65.59 ? 180 HIS K NE2 1 
HETATM 493 C C1  . GOL B 2 .  ? 9.907   5.471   4.882   1.00 59.34 ? 101 GOL K C1  1 
HETATM 494 O O1  . GOL B 2 .  ? 9.884   4.547   3.791   1.00 58.48 ? 101 GOL K O1  1 
HETATM 495 C C2  . GOL B 2 .  ? 8.563   5.453   5.616   1.00 57.71 ? 101 GOL K C2  1 
HETATM 496 O O2  . GOL B 2 .  ? 8.256   4.113   6.013   1.00 53.35 ? 101 GOL K O2  1 
HETATM 497 C C3  . GOL B 2 .  ? 7.455   5.997   4.711   1.00 57.57 ? 101 GOL K C3  1 
HETATM 498 O O3  . GOL B 2 .  ? 7.650   7.389   4.441   1.00 57.72 ? 101 GOL K O3  1 
HETATM 499 C C1  . GOL C 2 .  ? -4.242  -10.669 -1.405  1.00 53.91 ? 102 GOL K C1  1 
HETATM 500 O O1  . GOL C 2 .  ? -3.419  -11.834 -1.554  1.00 41.19 ? 102 GOL K O1  1 
HETATM 501 C C2  . GOL C 2 .  ? -5.583  -10.729 -2.151  1.00 43.47 ? 102 GOL K C2  1 
HETATM 502 O O2  . GOL C 2 .  ? -5.435  -10.551 -3.560  1.00 30.91 ? 102 GOL K O2  1 
HETATM 503 C C3  . GOL C 2 .  ? -6.510  -9.604  -1.683  1.00 54.53 ? 102 GOL K C3  1 
HETATM 504 O O3  . GOL C 2 .  ? -7.673  -9.589  -2.515  1.00 58.57 ? 102 GOL K O3  1 
HETATM 505 O O   . HOH D 3 .  ? 10.052  -6.957  2.592   1.00 25.92 ? 1   HOH K O   1 
HETATM 506 O O   . HOH D 3 .  ? 10.951  -0.365  2.026   1.00 25.11 ? 2   HOH K O   1 
HETATM 507 O O   . HOH D 3 .  ? 2.415   4.705   11.002  1.00 32.53 ? 3   HOH K O   1 
HETATM 508 O O   . HOH D 3 .  ? -1.725  2.536   -3.512  1.00 15.91 ? 4   HOH K O   1 
HETATM 509 O O   . HOH D 3 .  ? -1.201  3.325   -6.269  1.00 19.30 ? 5   HOH K O   1 
HETATM 510 O O   . HOH D 3 .  ? -7.140  -1.878  -5.833  1.00 32.86 ? 6   HOH K O   1 
HETATM 511 O O   . HOH D 3 .  ? -0.188  -2.397  -12.872 1.00 39.52 ? 7   HOH K O   1 
HETATM 512 O O   . HOH D 3 .  ? 2.158   -3.854  -17.473 1.00 39.44 ? 8   HOH K O   1 
HETATM 513 O O   . HOH D 3 .  ? 4.415   2.713   -9.070  1.00 26.76 ? 9   HOH K O   1 
HETATM 514 O O   . HOH D 3 .  ? -3.747  4.057   4.705   1.00 25.59 ? 10  HOH K O   1 
HETATM 515 O O   . HOH D 3 .  ? -5.146  4.300   7.279   1.00 49.68 ? 11  HOH K O   1 
HETATM 516 O O   . HOH D 3 .  ? 4.175   8.502   8.787   1.00 29.50 ? 12  HOH K O   1 
HETATM 517 O O   A HOH D 3 .  ? 0.096   -19.900 3.028   0.53 34.44 ? 13  HOH K O   1 
HETATM 518 O O   B HOH D 3 .  ? 1.956   -19.963 3.323   0.47 32.08 ? 13  HOH K O   1 
HETATM 519 O O   . HOH D 3 .  ? 5.905   -13.478 -5.893  1.00 22.58 ? 14  HOH K O   1 
HETATM 520 O O   . HOH D 3 .  ? -4.725  -2.705  -8.171  1.00 30.86 ? 15  HOH K O   1 
HETATM 521 O O   . HOH D 3 .  ? -5.482  -9.882  -6.383  1.00 30.73 ? 16  HOH K O   1 
HETATM 522 O O   . HOH D 3 .  ? 3.819   7.426   -4.012  1.00 30.28 ? 17  HOH K O   1 
HETATM 523 O O   . HOH D 3 .  ? -3.625  -4.768  -6.443  1.00 29.89 ? 18  HOH K O   1 
HETATM 524 O O   . HOH D 3 .  ? 10.607  -9.392  1.416   1.00 34.39 ? 19  HOH K O   1 
HETATM 525 O O   . HOH D 3 .  ? -4.294  4.060   -9.036  1.00 40.68 ? 20  HOH K O   1 
HETATM 526 O O   . HOH D 3 .  ? 3.697   13.121  3.638   1.00 27.37 ? 21  HOH K O   1 
HETATM 527 O O   . HOH D 3 .  ? -6.276  5.803   8.591   1.00 30.98 ? 22  HOH K O   1 
HETATM 528 O O   . HOH D 3 .  ? 4.282   -14.196 1.619   1.00 48.35 ? 23  HOH K O   1 
HETATM 529 O O   A HOH D 3 .  ? -5.303  2.259   3.790   0.50 23.87 ? 24  HOH K O   1 
HETATM 530 O O   B HOH D 3 .  ? -4.208  1.107   4.365   0.50 25.44 ? 24  HOH K O   1 
HETATM 531 O O   . HOH D 3 .  ? 5.648   -10.711 -2.978  1.00 35.20 ? 25  HOH K O   1 
HETATM 532 O O   . HOH D 3 .  ? -7.715  -3.789  -3.793  1.00 33.89 ? 26  HOH K O   1 
HETATM 533 O O   . HOH D 3 .  ? -3.249  -11.435 -11.177 1.00 42.43 ? 27  HOH K O   1 
HETATM 534 O O   . HOH D 3 .  ? 6.828   8.076   7.021   1.00 45.50 ? 28  HOH K O   1 
HETATM 535 O O   . HOH D 3 .  ? 1.693   6.745   8.192   1.00 51.78 ? 29  HOH K O   1 
HETATM 536 O O   . HOH D 3 .  ? 8.379   -13.608 -5.092  1.00 36.48 ? 30  HOH K O   1 
HETATM 537 O O   . HOH D 3 .  ? 2.246   4.815   -7.216  1.00 36.02 ? 31  HOH K O   1 
HETATM 538 O O   . HOH D 3 .  ? 8.272   -9.703  -3.188  1.00 40.58 ? 32  HOH K O   1 
HETATM 539 O O   . HOH D 3 .  ? -8.461  2.453   3.239   1.00 33.37 ? 33  HOH K O   1 
HETATM 540 O O   . HOH D 3 .  ? 0.678   -4.762  6.781   1.00 49.58 ? 34  HOH K O   1 
HETATM 541 O O   . HOH D 3 .  ? -2.370  1.588   10.610  1.00 35.66 ? 35  HOH K O   1 
HETATM 542 O O   . HOH D 3 .  ? 9.032   -3.608  8.360   1.00 46.11 ? 36  HOH K O   1 
HETATM 543 O O   . HOH D 3 .  ? 6.394   10.544  4.767   1.00 45.60 ? 37  HOH K O   1 
HETATM 544 O O   A HOH D 3 .  ? -0.241  4.419   14.233  0.50 39.97 ? 38  HOH K O   1 
HETATM 545 O O   B HOH D 3 .  ? -1.507  1.954   13.764  0.50 40.14 ? 38  HOH K O   1 
HETATM 546 O O   . HOH D 3 .  ? 11.666  4.090   -5.992  1.00 40.58 ? 39  HOH K O   1 
HETATM 547 O O   . HOH D 3 .  ? 1.260   -11.115 2.436   0.52 55.33 ? 40  HOH K O   1 
HETATM 548 O O   . HOH D 3 .  ? 2.288   -4.480  11.184  1.00 44.25 ? 41  HOH K O   1 
HETATM 549 O O   . HOH D 3 .  ? -3.976  -18.809 -0.319  1.00 45.03 ? 42  HOH K O   1 
HETATM 550 O O   . HOH D 3 .  ? 0.728   6.199   -8.968  1.00 56.28 ? 43  HOH K O   1 
HETATM 551 O O   . HOH D 3 .  ? -8.391  -6.823  -9.733  1.00 46.10 ? 44  HOH K O   1 
HETATM 552 O O   . HOH D 3 .  ? 0.520   -9.919  -13.327 1.00 35.88 ? 45  HOH K O   1 
HETATM 553 O O   . HOH D 3 .  ? -0.864  -5.914  2.826   1.00 50.75 ? 46  HOH K O   1 
HETATM 554 O O   . HOH D 3 .  ? 6.463   -8.748  -14.217 1.00 27.41 ? 47  HOH K O   1 
HETATM 555 O O   . HOH D 3 .  ? 5.236   9.386   2.002   1.00 51.00 ? 48  HOH K O   1 
HETATM 556 O O   . HOH D 3 .  ? 1.166   7.640   10.405  1.00 39.34 ? 49  HOH K O   1 
HETATM 557 O O   . HOH D 3 .  ? -4.046  -3.423  -4.024  1.00 28.49 ? 50  HOH K O   1 
HETATM 558 O O   . HOH D 3 .  ? -8.607  2.370   5.920   1.00 43.16 ? 52  HOH K O   1 
HETATM 559 O O   . HOH D 3 .  ? 9.082   -6.977  5.236   1.00 51.39 ? 53  HOH K O   1 
HETATM 560 O O   . HOH D 3 .  ? -6.119  -6.303  -4.950  1.00 55.80 ? 54  HOH K O   1 
HETATM 561 O O   . HOH D 3 .  ? -4.664  12.749  15.005  1.00 37.97 ? 55  HOH K O   1 
HETATM 562 O O   . HOH D 3 .  ? -9.371  -4.734  4.171   1.00 58.40 ? 56  HOH K O   1 
HETATM 563 O O   . HOH D 3 .  ? 4.783   5.325   -9.286  1.00 46.06 ? 57  HOH K O   1 
HETATM 564 O O   . HOH D 3 .  ? 2.923   7.322   -6.736  1.00 55.70 ? 58  HOH K O   1 
HETATM 565 O O   . HOH D 3 .  ? 11.516  2.121   2.615   1.00 51.36 ? 59  HOH K O   1 
HETATM 566 O O   . HOH D 3 .  ? -1.966  -9.754  -12.476 1.00 53.79 ? 60  HOH K O   1 
HETATM 567 O O   . HOH D 3 .  ? 7.312   2.822   -9.482  1.00 45.02 ? 61  HOH K O   1 
HETATM 568 O O   . HOH D 3 .  ? -6.132  1.872   6.282   1.00 53.96 ? 62  HOH K O   1 
HETATM 569 O O   . HOH D 3 .  ? 9.577   -11.713 -4.353  1.00 44.75 ? 63  HOH K O   1 
HETATM 570 O O   . HOH D 3 .  ? -8.868  -0.381  6.136   1.00 42.21 ? 64  HOH K O   1 
# 
loop_
_pdbx_poly_seq_scheme.asym_id 
_pdbx_poly_seq_scheme.entity_id 
_pdbx_poly_seq_scheme.seq_id 
_pdbx_poly_seq_scheme.mon_id 
_pdbx_poly_seq_scheme.ndb_seq_num 
_pdbx_poly_seq_scheme.pdb_seq_num 
_pdbx_poly_seq_scheme.auth_seq_num 
_pdbx_poly_seq_scheme.pdb_mon_id 
_pdbx_poly_seq_scheme.auth_mon_id 
_pdbx_poly_seq_scheme.pdb_strand_id 
_pdbx_poly_seq_scheme.pdb_ins_code 
_pdbx_poly_seq_scheme.hetero 
A 1 1  GLY 1  120 ?   ?   ?   K . n 
A 1 2  GLU 2  121 121 GLU GLU K . n 
A 1 3  HIS 3  122 122 HIS HIS K . n 
A 1 4  ILE 4  123 123 ILE ILE K . n 
A 1 5  PRO 5  124 124 PRO PRO K . n 
A 1 6  GLY 6  125 125 GLY GLY K . n 
A 1 7  THR 7  126 126 THR THR K . n 
A 1 8  LEU 8  127 127 LEU LEU K . n 
A 1 9  ARG 9  128 128 ARG ARG K . n 
A 1 10 PHE 10 129 129 PHE PHE K . n 
A 1 11 ARG 11 130 130 ARG ARG K . n 
A 1 12 LEU 12 131 131 LEU LEU K . n 
A 1 13 SER 13 132 132 SER SER K . n 
A 1 14 PRO 14 133 133 PRO PRO K . n 
A 1 15 ALA 15 134 134 ALA ALA K . n 
A 1 16 ALA 16 135 135 ALA ALA K . n 
A 1 17 ARG 17 136 136 ARG ARG K . n 
A 1 18 ASN 18 137 137 ASN ASN K . n 
A 1 19 ILE 19 138 138 ILE ILE K . n 
A 1 20 LEU 20 139 139 LEU LEU K . n 
A 1 21 GLU 21 140 140 GLU GLU K . n 
A 1 22 LYS 22 141 141 LYS LYS K . n 
A 1 23 HIS 23 142 142 HIS HIS K . n 
A 1 24 SER 24 143 143 SER SER K . n 
A 1 25 LEU 25 144 144 LEU LEU K . n 
A 1 26 ASP 26 145 145 ASP ASP K . n 
A 1 27 ALA 27 146 146 ALA ALA K . n 
A 1 28 SER 28 147 147 SER SER K . n 
A 1 29 GLN 29 148 148 GLN GLN K . n 
A 1 30 GLY 30 149 149 GLY GLY K . n 
A 1 31 THR 31 150 150 THR THR K . n 
A 1 32 ALA 32 151 151 ALA ALA K . n 
A 1 33 THR 33 152 152 THR THR K . n 
A 1 34 GLY 34 153 153 GLY GLY K . n 
A 1 35 PRO 35 154 154 PRO PRO K . n 
A 1 36 ARG 36 155 155 ARG ARG K . n 
A 1 37 GLY 37 156 156 GLY GLY K . n 
A 1 38 ILE 38 157 157 ILE ILE K . n 
A 1 39 PHE 39 158 158 PHE PHE K . n 
A 1 40 THR 40 159 159 THR THR K . n 
A 1 41 LYS 41 160 160 LYS LYS K . n 
A 1 42 GLU 42 161 161 GLU GLU K . n 
A 1 43 ASP 43 162 162 ASP ASP K . n 
A 1 44 ALA 44 163 163 ALA ALA K . n 
A 1 45 LEU 45 164 164 LEU LEU K . n 
A 1 46 LYS 46 165 165 LYS LYS K . n 
A 1 47 LEU 47 166 166 LEU LEU K . n 
A 1 48 VAL 48 167 167 VAL VAL K . n 
A 1 49 GLN 49 168 168 GLN GLN K . n 
A 1 50 LEU 50 169 169 LEU LEU K . n 
A 1 51 LYS 51 170 170 LYS LYS K . n 
A 1 52 GLN 52 171 171 GLN GLN K . n 
A 1 53 THR 53 172 172 THR THR K . n 
A 1 54 GLY 54 173 173 GLY GLY K . n 
A 1 55 LYS 55 174 174 LYS LYS K . n 
A 1 56 ILE 56 175 175 ILE ILE K . n 
A 1 57 LEU 57 176 176 LEU LEU K . n 
A 1 58 GLU 58 177 177 GLU GLU K . n 
A 1 59 HIS 59 178 178 HIS HIS K . n 
A 1 60 HIS 60 179 179 HIS HIS K . n 
A 1 61 HIS 61 180 180 HIS HIS K . n 
A 1 62 HIS 62 181 ?   ?   ?   K . n 
A 1 63 HIS 63 182 ?   ?   ?   K . n 
A 1 64 HIS 64 183 ?   ?   ?   K . n 
# 
loop_
_pdbx_nonpoly_scheme.asym_id 
_pdbx_nonpoly_scheme.entity_id 
_pdbx_nonpoly_scheme.mon_id 
_pdbx_nonpoly_scheme.ndb_seq_num 
_pdbx_nonpoly_scheme.pdb_seq_num 
_pdbx_nonpoly_scheme.auth_seq_num 
_pdbx_nonpoly_scheme.pdb_mon_id 
_pdbx_nonpoly_scheme.auth_mon_id 
_pdbx_nonpoly_scheme.pdb_strand_id 
_pdbx_nonpoly_scheme.pdb_ins_code 
B 2 GOL 1  101 101 GOL GOL K . 
C 2 GOL 1  102 102 GOL GOL K . 
D 3 HOH 1  1   1   HOH HOH K . 
D 3 HOH 2  2   2   HOH HOH K . 
D 3 HOH 3  3   3   HOH HOH K . 
D 3 HOH 4  4   4   HOH HOH K . 
D 3 HOH 5  5   5   HOH HOH K . 
D 3 HOH 6  6   6   HOH HOH K . 
D 3 HOH 7  7   7   HOH HOH K . 
D 3 HOH 8  8   8   HOH HOH K . 
D 3 HOH 9  9   9   HOH HOH K . 
D 3 HOH 10 10  10  HOH HOH K . 
D 3 HOH 11 11  11  HOH HOH K . 
D 3 HOH 12 12  12  HOH HOH K . 
D 3 HOH 13 13  13  HOH HOH K . 
D 3 HOH 14 14  14  HOH HOH K . 
D 3 HOH 15 15  15  HOH HOH K . 
D 3 HOH 16 16  16  HOH HOH K . 
D 3 HOH 17 17  17  HOH HOH K . 
D 3 HOH 18 18  18  HOH HOH K . 
D 3 HOH 19 19  19  HOH HOH K . 
D 3 HOH 20 20  20  HOH HOH K . 
D 3 HOH 21 21  21  HOH HOH K . 
D 3 HOH 22 22  22  HOH HOH K . 
D 3 HOH 23 23  23  HOH HOH K . 
D 3 HOH 24 24  24  HOH HOH K . 
D 3 HOH 25 25  25  HOH HOH K . 
D 3 HOH 26 26  26  HOH HOH K . 
D 3 HOH 27 27  27  HOH HOH K . 
D 3 HOH 28 28  28  HOH HOH K . 
D 3 HOH 29 29  29  HOH HOH K . 
D 3 HOH 30 30  30  HOH HOH K . 
D 3 HOH 31 31  31  HOH HOH K . 
D 3 HOH 32 32  32  HOH HOH K . 
D 3 HOH 33 33  33  HOH HOH K . 
D 3 HOH 34 34  34  HOH HOH K . 
D 3 HOH 35 35  35  HOH HOH K . 
D 3 HOH 36 36  36  HOH HOH K . 
D 3 HOH 37 37  37  HOH HOH K . 
D 3 HOH 38 38  38  HOH HOH K . 
D 3 HOH 39 39  39  HOH HOH K . 
D 3 HOH 40 40  40  HOH HOH K . 
D 3 HOH 41 41  41  HOH HOH K . 
D 3 HOH 42 42  42  HOH HOH K . 
D 3 HOH 43 43  43  HOH HOH K . 
D 3 HOH 44 44  44  HOH HOH K . 
D 3 HOH 45 45  45  HOH HOH K . 
D 3 HOH 46 46  46  HOH HOH K . 
D 3 HOH 47 47  47  HOH HOH K . 
D 3 HOH 48 48  48  HOH HOH K . 
D 3 HOH 49 49  49  HOH HOH K . 
D 3 HOH 50 50  50  HOH HOH K . 
D 3 HOH 51 52  52  HOH HOH K . 
D 3 HOH 52 53  53  HOH HOH K . 
D 3 HOH 53 54  54  HOH HOH K . 
D 3 HOH 54 55  55  HOH HOH K . 
D 3 HOH 55 56  56  HOH HOH K . 
D 3 HOH 56 57  57  HOH HOH K . 
D 3 HOH 57 58  58  HOH HOH K . 
D 3 HOH 58 59  59  HOH HOH K . 
D 3 HOH 59 60  60  HOH HOH K . 
D 3 HOH 60 61  61  HOH HOH K . 
D 3 HOH 61 62  62  HOH HOH K . 
D 3 HOH 62 63  63  HOH HOH K . 
D 3 HOH 63 64  64  HOH HOH K . 
# 
_pdbx_struct_assembly.id                   1 
_pdbx_struct_assembly.details              author_defined_assembly 
_pdbx_struct_assembly.method_details       ? 
_pdbx_struct_assembly.oligomeric_details   monomeric 
_pdbx_struct_assembly.oligomeric_count     1 
# 
_pdbx_struct_assembly_gen.assembly_id       1 
_pdbx_struct_assembly_gen.oper_expression   1 
_pdbx_struct_assembly_gen.asym_id_list      A,B,C,D 
# 
_pdbx_struct_oper_list.id                   1 
_pdbx_struct_oper_list.type                 'identity operation' 
_pdbx_struct_oper_list.name                 1_555 
_pdbx_struct_oper_list.symmetry_operation   x,y,z 
_pdbx_struct_oper_list.matrix[1][1]         1.0000000000 
_pdbx_struct_oper_list.matrix[1][2]         0.0000000000 
_pdbx_struct_oper_list.matrix[1][3]         0.0000000000 
_pdbx_struct_oper_list.vector[1]            0.0000000000 
_pdbx_struct_oper_list.matrix[2][1]         0.0000000000 
_pdbx_struct_oper_list.matrix[2][2]         1.0000000000 
_pdbx_struct_oper_list.matrix[2][3]         0.0000000000 
_pdbx_struct_oper_list.vector[2]            0.0000000000 
_pdbx_struct_oper_list.matrix[3][1]         0.0000000000 
_pdbx_struct_oper_list.matrix[3][2]         0.0000000000 
_pdbx_struct_oper_list.matrix[3][3]         1.0000000000 
_pdbx_struct_oper_list.vector[3]            0.0000000000 
# 
loop_
_pdbx_audit_revision_history.ordinal 
_pdbx_audit_revision_history.data_content_type 
_pdbx_audit_revision_history.major_revision 
_pdbx_audit_revision_history.minor_revision 
_pdbx_audit_revision_history.revision_date 
1 'Structure model' 1 0 2006-01-17 
2 'Structure model' 1 1 2008-05-01 
3 'Structure model' 1 2 2011-07-13 
4 'Structure model' 1 3 2021-10-20 
5 'Structure model' 1 4 2023-08-23 
# 
_pdbx_audit_revision_details.ordinal             1 
_pdbx_audit_revision_details.revision_ordinal    1 
_pdbx_audit_revision_details.data_content_type   'Structure model' 
_pdbx_audit_revision_details.provider            repository 
_pdbx_audit_revision_details.type                'Initial release' 
_pdbx_audit_revision_details.description         ? 
_pdbx_audit_revision_details.details             ? 
# 
loop_
_pdbx_audit_revision_group.ordinal 
_pdbx_audit_revision_group.revision_ordinal 
_pdbx_audit_revision_group.data_content_type 
_pdbx_audit_revision_group.group 
1 2 'Structure model' 'Version format compliance' 
2 3 'Structure model' 'Non-polymer description'   
3 3 'Structure model' 'Version format compliance' 
4 4 'Structure model' 'Database references'       
5 4 'Structure model' 'Derived calculations'      
6 5 'Structure model' 'Data collection'           
7 5 'Structure model' 'Refinement description'    
# 
loop_
_pdbx_audit_revision_category.ordinal 
_pdbx_audit_revision_category.revision_ordinal 
_pdbx_audit_revision_category.data_content_type 
_pdbx_audit_revision_category.category 
1 4 'Structure model' database_2                    
2 4 'Structure model' struct_ref_seq_dif            
3 4 'Structure model' struct_site                   
4 5 'Structure model' chem_comp_atom                
5 5 'Structure model' chem_comp_bond                
6 5 'Structure model' pdbx_initial_refinement_model 
# 
loop_
_pdbx_audit_revision_item.ordinal 
_pdbx_audit_revision_item.revision_ordinal 
_pdbx_audit_revision_item.data_content_type 
_pdbx_audit_revision_item.item 
1 4 'Structure model' '_database_2.pdbx_DOI'                
2 4 'Structure model' '_database_2.pdbx_database_accession' 
3 4 'Structure model' '_struct_ref_seq_dif.details'         
4 4 'Structure model' '_struct_site.pdbx_auth_asym_id'      
5 4 'Structure model' '_struct_site.pdbx_auth_comp_id'      
6 4 'Structure model' '_struct_site.pdbx_auth_seq_id'       
# 
loop_
_software.name 
_software.classification 
_software.version 
_software.citation_id 
_software.pdbx_ordinal 
HKL-2000  'data collection' .   ? 1 
SCALEPACK 'data scaling'    .   ? 2 
PHASER    phasing           .   ? 3 
CNS       refinement        1.1 ? 4 
HKL-2000  'data reduction'  .   ? 5 
# 
loop_
_pdbx_validate_rmsd_bond.id 
_pdbx_validate_rmsd_bond.PDB_model_num 
_pdbx_validate_rmsd_bond.auth_atom_id_1 
_pdbx_validate_rmsd_bond.auth_asym_id_1 
_pdbx_validate_rmsd_bond.auth_comp_id_1 
_pdbx_validate_rmsd_bond.auth_seq_id_1 
_pdbx_validate_rmsd_bond.PDB_ins_code_1 
_pdbx_validate_rmsd_bond.label_alt_id_1 
_pdbx_validate_rmsd_bond.auth_atom_id_2 
_pdbx_validate_rmsd_bond.auth_asym_id_2 
_pdbx_validate_rmsd_bond.auth_comp_id_2 
_pdbx_validate_rmsd_bond.auth_seq_id_2 
_pdbx_validate_rmsd_bond.PDB_ins_code_2 
_pdbx_validate_rmsd_bond.label_alt_id_2 
_pdbx_validate_rmsd_bond.bond_value 
_pdbx_validate_rmsd_bond.bond_target_value 
_pdbx_validate_rmsd_bond.bond_deviation 
_pdbx_validate_rmsd_bond.bond_standard_deviation 
_pdbx_validate_rmsd_bond.linker_flag 
1 1 CB K GLU 140 ? ? CG K GLU 140 ? ? 1.402 1.517 -0.115 0.019 N 
2 1 CA K ALA 146 ? ? CB K ALA 146 ? ? 1.656 1.520 0.136  0.021 N 
3 1 CG K GLU 161 ? ? CD K GLU 161 ? ? 1.620 1.515 0.105  0.015 N 
# 
loop_
_pdbx_validate_rmsd_angle.id 
_pdbx_validate_rmsd_angle.PDB_model_num 
_pdbx_validate_rmsd_angle.auth_atom_id_1 
_pdbx_validate_rmsd_angle.auth_asym_id_1 
_pdbx_validate_rmsd_angle.auth_comp_id_1 
_pdbx_validate_rmsd_angle.auth_seq_id_1 
_pdbx_validate_rmsd_angle.PDB_ins_code_1 
_pdbx_validate_rmsd_angle.label_alt_id_1 
_pdbx_validate_rmsd_angle.auth_atom_id_2 
_pdbx_validate_rmsd_angle.auth_asym_id_2 
_pdbx_validate_rmsd_angle.auth_comp_id_2 
_pdbx_validate_rmsd_angle.auth_seq_id_2 
_pdbx_validate_rmsd_angle.PDB_ins_code_2 
_pdbx_validate_rmsd_angle.label_alt_id_2 
_pdbx_validate_rmsd_angle.auth_atom_id_3 
_pdbx_validate_rmsd_angle.auth_asym_id_3 
_pdbx_validate_rmsd_angle.auth_comp_id_3 
_pdbx_validate_rmsd_angle.auth_seq_id_3 
_pdbx_validate_rmsd_angle.PDB_ins_code_3 
_pdbx_validate_rmsd_angle.label_alt_id_3 
_pdbx_validate_rmsd_angle.angle_value 
_pdbx_validate_rmsd_angle.angle_target_value 
_pdbx_validate_rmsd_angle.angle_deviation 
_pdbx_validate_rmsd_angle.angle_standard_deviation 
_pdbx_validate_rmsd_angle.linker_flag 
1 1 NE K ARG 136 ? B CZ K ARG 136 ? B NH1 K ARG 136 ? B 123.50 120.30 3.20   0.50 N 
2 1 NE K ARG 136 ? B CZ K ARG 136 ? B NH2 K ARG 136 ? B 116.82 120.30 -3.48  0.50 N 
3 1 CD K LYS 165 ? ? CE K LYS 165 ? ? NZ  K LYS 165 ? ? 97.18  111.70 -14.52 2.30 N 
# 
loop_
_pdbx_unobs_or_zero_occ_atoms.id 
_pdbx_unobs_or_zero_occ_atoms.PDB_model_num 
_pdbx_unobs_or_zero_occ_atoms.polymer_flag 
_pdbx_unobs_or_zero_occ_atoms.occupancy_flag 
_pdbx_unobs_or_zero_occ_atoms.auth_asym_id 
_pdbx_unobs_or_zero_occ_atoms.auth_comp_id 
_pdbx_unobs_or_zero_occ_atoms.auth_seq_id 
_pdbx_unobs_or_zero_occ_atoms.PDB_ins_code 
_pdbx_unobs_or_zero_occ_atoms.auth_atom_id 
_pdbx_unobs_or_zero_occ_atoms.label_alt_id 
_pdbx_unobs_or_zero_occ_atoms.label_asym_id 
_pdbx_unobs_or_zero_occ_atoms.label_comp_id 
_pdbx_unobs_or_zero_occ_atoms.label_seq_id 
_pdbx_unobs_or_zero_occ_atoms.label_atom_id 
1 1 Y 0 K GLU 121 ? CG  ? A GLU 2 CG  
2 1 Y 0 K GLU 121 ? CD  ? A GLU 2 CD  
3 1 Y 0 K GLU 121 ? OE1 ? A GLU 2 OE1 
4 1 Y 0 K GLU 121 ? OE2 ? A GLU 2 OE2 
# 
loop_
_pdbx_unobs_or_zero_occ_residues.id 
_pdbx_unobs_or_zero_occ_residues.PDB_model_num 
_pdbx_unobs_or_zero_occ_residues.polymer_flag 
_pdbx_unobs_or_zero_occ_residues.occupancy_flag 
_pdbx_unobs_or_zero_occ_residues.auth_asym_id 
_pdbx_unobs_or_zero_occ_residues.auth_comp_id 
_pdbx_unobs_or_zero_occ_residues.auth_seq_id 
_pdbx_unobs_or_zero_occ_residues.PDB_ins_code 
_pdbx_unobs_or_zero_occ_residues.label_asym_id 
_pdbx_unobs_or_zero_occ_residues.label_comp_id 
_pdbx_unobs_or_zero_occ_residues.label_seq_id 
1 1 Y 1 K GLY 120 ? A GLY 1  
2 1 Y 1 K HIS 181 ? A HIS 62 
3 1 Y 1 K HIS 182 ? A HIS 63 
4 1 Y 1 K HIS 183 ? A HIS 64 
# 
loop_
_chem_comp_atom.comp_id 
_chem_comp_atom.atom_id 
_chem_comp_atom.type_symbol 
_chem_comp_atom.pdbx_aromatic_flag 
_chem_comp_atom.pdbx_stereo_config 
_chem_comp_atom.pdbx_ordinal 
ALA N    N N N 1   
ALA CA   C N S 2   
ALA C    C N N 3   
ALA O    O N N 4   
ALA CB   C N N 5   
ALA OXT  O N N 6   
ALA H    H N N 7   
ALA H2   H N N 8   
ALA HA   H N N 9   
ALA HB1  H N N 10  
ALA HB2  H N N 11  
ALA HB3  H N N 12  
ALA HXT  H N N 13  
ARG N    N N N 14  
ARG CA   C N S 15  
ARG C    C N N 16  
ARG O    O N N 17  
ARG CB   C N N 18  
ARG CG   C N N 19  
ARG CD   C N N 20  
ARG NE   N N N 21  
ARG CZ   C N N 22  
ARG NH1  N N N 23  
ARG NH2  N N N 24  
ARG OXT  O N N 25  
ARG H    H N N 26  
ARG H2   H N N 27  
ARG HA   H N N 28  
ARG HB2  H N N 29  
ARG HB3  H N N 30  
ARG HG2  H N N 31  
ARG HG3  H N N 32  
ARG HD2  H N N 33  
ARG HD3  H N N 34  
ARG HE   H N N 35  
ARG HH11 H N N 36  
ARG HH12 H N N 37  
ARG HH21 H N N 38  
ARG HH22 H N N 39  
ARG HXT  H N N 40  
ASN N    N N N 41  
ASN CA   C N S 42  
ASN C    C N N 43  
ASN O    O N N 44  
ASN CB   C N N 45  
ASN CG   C N N 46  
ASN OD1  O N N 47  
ASN ND2  N N N 48  
ASN OXT  O N N 49  
ASN H    H N N 50  
ASN H2   H N N 51  
ASN HA   H N N 52  
ASN HB2  H N N 53  
ASN HB3  H N N 54  
ASN HD21 H N N 55  
ASN HD22 H N N 56  
ASN HXT  H N N 57  
ASP N    N N N 58  
ASP CA   C N S 59  
ASP C    C N N 60  
ASP O    O N N 61  
ASP CB   C N N 62  
ASP CG   C N N 63  
ASP OD1  O N N 64  
ASP OD2  O N N 65  
ASP OXT  O N N 66  
ASP H    H N N 67  
ASP H2   H N N 68  
ASP HA   H N N 69  
ASP HB2  H N N 70  
ASP HB3  H N N 71  
ASP HD2  H N N 72  
ASP HXT  H N N 73  
GLN N    N N N 74  
GLN CA   C N S 75  
GLN C    C N N 76  
GLN O    O N N 77  
GLN CB   C N N 78  
GLN CG   C N N 79  
GLN CD   C N N 80  
GLN OE1  O N N 81  
GLN NE2  N N N 82  
GLN OXT  O N N 83  
GLN H    H N N 84  
GLN H2   H N N 85  
GLN HA   H N N 86  
GLN HB2  H N N 87  
GLN HB3  H N N 88  
GLN HG2  H N N 89  
GLN HG3  H N N 90  
GLN HE21 H N N 91  
GLN HE22 H N N 92  
GLN HXT  H N N 93  
GLU N    N N N 94  
GLU CA   C N S 95  
GLU C    C N N 96  
GLU O    O N N 97  
GLU CB   C N N 98  
GLU CG   C N N 99  
GLU CD   C N N 100 
GLU OE1  O N N 101 
GLU OE2  O N N 102 
GLU OXT  O N N 103 
GLU H    H N N 104 
GLU H2   H N N 105 
GLU HA   H N N 106 
GLU HB2  H N N 107 
GLU HB3  H N N 108 
GLU HG2  H N N 109 
GLU HG3  H N N 110 
GLU HE2  H N N 111 
GLU HXT  H N N 112 
GLY N    N N N 113 
GLY CA   C N N 114 
GLY C    C N N 115 
GLY O    O N N 116 
GLY OXT  O N N 117 
GLY H    H N N 118 
GLY H2   H N N 119 
GLY HA2  H N N 120 
GLY HA3  H N N 121 
GLY HXT  H N N 122 
GOL C1   C N N 123 
GOL O1   O N N 124 
GOL C2   C N N 125 
GOL O2   O N N 126 
GOL C3   C N N 127 
GOL O3   O N N 128 
GOL H11  H N N 129 
GOL H12  H N N 130 
GOL HO1  H N N 131 
GOL H2   H N N 132 
GOL HO2  H N N 133 
GOL H31  H N N 134 
GOL H32  H N N 135 
GOL HO3  H N N 136 
HIS N    N N N 137 
HIS CA   C N S 138 
HIS C    C N N 139 
HIS O    O N N 140 
HIS CB   C N N 141 
HIS CG   C Y N 142 
HIS ND1  N Y N 143 
HIS CD2  C Y N 144 
HIS CE1  C Y N 145 
HIS NE2  N Y N 146 
HIS OXT  O N N 147 
HIS H    H N N 148 
HIS H2   H N N 149 
HIS HA   H N N 150 
HIS HB2  H N N 151 
HIS HB3  H N N 152 
HIS HD1  H N N 153 
HIS HD2  H N N 154 
HIS HE1  H N N 155 
HIS HE2  H N N 156 
HIS HXT  H N N 157 
HOH O    O N N 158 
HOH H1   H N N 159 
HOH H2   H N N 160 
ILE N    N N N 161 
ILE CA   C N S 162 
ILE C    C N N 163 
ILE O    O N N 164 
ILE CB   C N S 165 
ILE CG1  C N N 166 
ILE CG2  C N N 167 
ILE CD1  C N N 168 
ILE OXT  O N N 169 
ILE H    H N N 170 
ILE H2   H N N 171 
ILE HA   H N N 172 
ILE HB   H N N 173 
ILE HG12 H N N 174 
ILE HG13 H N N 175 
ILE HG21 H N N 176 
ILE HG22 H N N 177 
ILE HG23 H N N 178 
ILE HD11 H N N 179 
ILE HD12 H N N 180 
ILE HD13 H N N 181 
ILE HXT  H N N 182 
LEU N    N N N 183 
LEU CA   C N S 184 
LEU C    C N N 185 
LEU O    O N N 186 
LEU CB   C N N 187 
LEU CG   C N N 188 
LEU CD1  C N N 189 
LEU CD2  C N N 190 
LEU OXT  O N N 191 
LEU H    H N N 192 
LEU H2   H N N 193 
LEU HA   H N N 194 
LEU HB2  H N N 195 
LEU HB3  H N N 196 
LEU HG   H N N 197 
LEU HD11 H N N 198 
LEU HD12 H N N 199 
LEU HD13 H N N 200 
LEU HD21 H N N 201 
LEU HD22 H N N 202 
LEU HD23 H N N 203 
LEU HXT  H N N 204 
LYS N    N N N 205 
LYS CA   C N S 206 
LYS C    C N N 207 
LYS O    O N N 208 
LYS CB   C N N 209 
LYS CG   C N N 210 
LYS CD   C N N 211 
LYS CE   C N N 212 
LYS NZ   N N N 213 
LYS OXT  O N N 214 
LYS H    H N N 215 
LYS H2   H N N 216 
LYS HA   H N N 217 
LYS HB2  H N N 218 
LYS HB3  H N N 219 
LYS HG2  H N N 220 
LYS HG3  H N N 221 
LYS HD2  H N N 222 
LYS HD3  H N N 223 
LYS HE2  H N N 224 
LYS HE3  H N N 225 
LYS HZ1  H N N 226 
LYS HZ2  H N N 227 
LYS HZ3  H N N 228 
LYS HXT  H N N 229 
PHE N    N N N 230 
PHE CA   C N S 231 
PHE C    C N N 232 
PHE O    O N N 233 
PHE CB   C N N 234 
PHE CG   C Y N 235 
PHE CD1  C Y N 236 
PHE CD2  C Y N 237 
PHE CE1  C Y N 238 
PHE CE2  C Y N 239 
PHE CZ   C Y N 240 
PHE OXT  O N N 241 
PHE H    H N N 242 
PHE H2   H N N 243 
PHE HA   H N N 244 
PHE HB2  H N N 245 
PHE HB3  H N N 246 
PHE HD1  H N N 247 
PHE HD2  H N N 248 
PHE HE1  H N N 249 
PHE HE2  H N N 250 
PHE HZ   H N N 251 
PHE HXT  H N N 252 
PRO N    N N N 253 
PRO CA   C N S 254 
PRO C    C N N 255 
PRO O    O N N 256 
PRO CB   C N N 257 
PRO CG   C N N 258 
PRO CD   C N N 259 
PRO OXT  O N N 260 
PRO H    H N N 261 
PRO HA   H N N 262 
PRO HB2  H N N 263 
PRO HB3  H N N 264 
PRO HG2  H N N 265 
PRO HG3  H N N 266 
PRO HD2  H N N 267 
PRO HD3  H N N 268 
PRO HXT  H N N 269 
SER N    N N N 270 
SER CA   C N S 271 
SER C    C N N 272 
SER O    O N N 273 
SER CB   C N N 274 
SER OG   O N N 275 
SER OXT  O N N 276 
SER H    H N N 277 
SER H2   H N N 278 
SER HA   H N N 279 
SER HB2  H N N 280 
SER HB3  H N N 281 
SER HG   H N N 282 
SER HXT  H N N 283 
THR N    N N N 284 
THR CA   C N S 285 
THR C    C N N 286 
THR O    O N N 287 
THR CB   C N R 288 
THR OG1  O N N 289 
THR CG2  C N N 290 
THR OXT  O N N 291 
THR H    H N N 292 
THR H2   H N N 293 
THR HA   H N N 294 
THR HB   H N N 295 
THR HG1  H N N 296 
THR HG21 H N N 297 
THR HG22 H N N 298 
THR HG23 H N N 299 
THR HXT  H N N 300 
VAL N    N N N 301 
VAL CA   C N S 302 
VAL C    C N N 303 
VAL O    O N N 304 
VAL CB   C N N 305 
VAL CG1  C N N 306 
VAL CG2  C N N 307 
VAL OXT  O N N 308 
VAL H    H N N 309 
VAL H2   H N N 310 
VAL HA   H N N 311 
VAL HB   H N N 312 
VAL HG11 H N N 313 
VAL HG12 H N N 314 
VAL HG13 H N N 315 
VAL HG21 H N N 316 
VAL HG22 H N N 317 
VAL HG23 H N N 318 
VAL HXT  H N N 319 
# 
loop_
_chem_comp_bond.comp_id 
_chem_comp_bond.atom_id_1 
_chem_comp_bond.atom_id_2 
_chem_comp_bond.value_order 
_chem_comp_bond.pdbx_aromatic_flag 
_chem_comp_bond.pdbx_stereo_config 
_chem_comp_bond.pdbx_ordinal 
ALA N   CA   sing N N 1   
ALA N   H    sing N N 2   
ALA N   H2   sing N N 3   
ALA CA  C    sing N N 4   
ALA CA  CB   sing N N 5   
ALA CA  HA   sing N N 6   
ALA C   O    doub N N 7   
ALA C   OXT  sing N N 8   
ALA CB  HB1  sing N N 9   
ALA CB  HB2  sing N N 10  
ALA CB  HB3  sing N N 11  
ALA OXT HXT  sing N N 12  
ARG N   CA   sing N N 13  
ARG N   H    sing N N 14  
ARG N   H2   sing N N 15  
ARG CA  C    sing N N 16  
ARG CA  CB   sing N N 17  
ARG CA  HA   sing N N 18  
ARG C   O    doub N N 19  
ARG C   OXT  sing N N 20  
ARG CB  CG   sing N N 21  
ARG CB  HB2  sing N N 22  
ARG CB  HB3  sing N N 23  
ARG CG  CD   sing N N 24  
ARG CG  HG2  sing N N 25  
ARG CG  HG3  sing N N 26  
ARG CD  NE   sing N N 27  
ARG CD  HD2  sing N N 28  
ARG CD  HD3  sing N N 29  
ARG NE  CZ   sing N N 30  
ARG NE  HE   sing N N 31  
ARG CZ  NH1  sing N N 32  
ARG CZ  NH2  doub N N 33  
ARG NH1 HH11 sing N N 34  
ARG NH1 HH12 sing N N 35  
ARG NH2 HH21 sing N N 36  
ARG NH2 HH22 sing N N 37  
ARG OXT HXT  sing N N 38  
ASN N   CA   sing N N 39  
ASN N   H    sing N N 40  
ASN N   H2   sing N N 41  
ASN CA  C    sing N N 42  
ASN CA  CB   sing N N 43  
ASN CA  HA   sing N N 44  
ASN C   O    doub N N 45  
ASN C   OXT  sing N N 46  
ASN CB  CG   sing N N 47  
ASN CB  HB2  sing N N 48  
ASN CB  HB3  sing N N 49  
ASN CG  OD1  doub N N 50  
ASN CG  ND2  sing N N 51  
ASN ND2 HD21 sing N N 52  
ASN ND2 HD22 sing N N 53  
ASN OXT HXT  sing N N 54  
ASP N   CA   sing N N 55  
ASP N   H    sing N N 56  
ASP N   H2   sing N N 57  
ASP CA  C    sing N N 58  
ASP CA  CB   sing N N 59  
ASP CA  HA   sing N N 60  
ASP C   O    doub N N 61  
ASP C   OXT  sing N N 62  
ASP CB  CG   sing N N 63  
ASP CB  HB2  sing N N 64  
ASP CB  HB3  sing N N 65  
ASP CG  OD1  doub N N 66  
ASP CG  OD2  sing N N 67  
ASP OD2 HD2  sing N N 68  
ASP OXT HXT  sing N N 69  
GLN N   CA   sing N N 70  
GLN N   H    sing N N 71  
GLN N   H2   sing N N 72  
GLN CA  C    sing N N 73  
GLN CA  CB   sing N N 74  
GLN CA  HA   sing N N 75  
GLN C   O    doub N N 76  
GLN C   OXT  sing N N 77  
GLN CB  CG   sing N N 78  
GLN CB  HB2  sing N N 79  
GLN CB  HB3  sing N N 80  
GLN CG  CD   sing N N 81  
GLN CG  HG2  sing N N 82  
GLN CG  HG3  sing N N 83  
GLN CD  OE1  doub N N 84  
GLN CD  NE2  sing N N 85  
GLN NE2 HE21 sing N N 86  
GLN NE2 HE22 sing N N 87  
GLN OXT HXT  sing N N 88  
GLU N   CA   sing N N 89  
GLU N   H    sing N N 90  
GLU N   H2   sing N N 91  
GLU CA  C    sing N N 92  
GLU CA  CB   sing N N 93  
GLU CA  HA   sing N N 94  
GLU C   O    doub N N 95  
GLU C   OXT  sing N N 96  
GLU CB  CG   sing N N 97  
GLU CB  HB2  sing N N 98  
GLU CB  HB3  sing N N 99  
GLU CG  CD   sing N N 100 
GLU CG  HG2  sing N N 101 
GLU CG  HG3  sing N N 102 
GLU CD  OE1  doub N N 103 
GLU CD  OE2  sing N N 104 
GLU OE2 HE2  sing N N 105 
GLU OXT HXT  sing N N 106 
GLY N   CA   sing N N 107 
GLY N   H    sing N N 108 
GLY N   H2   sing N N 109 
GLY CA  C    sing N N 110 
GLY CA  HA2  sing N N 111 
GLY CA  HA3  sing N N 112 
GLY C   O    doub N N 113 
GLY C   OXT  sing N N 114 
GLY OXT HXT  sing N N 115 
GOL C1  O1   sing N N 116 
GOL C1  C2   sing N N 117 
GOL C1  H11  sing N N 118 
GOL C1  H12  sing N N 119 
GOL O1  HO1  sing N N 120 
GOL C2  O2   sing N N 121 
GOL C2  C3   sing N N 122 
GOL C2  H2   sing N N 123 
GOL O2  HO2  sing N N 124 
GOL C3  O3   sing N N 125 
GOL C3  H31  sing N N 126 
GOL C3  H32  sing N N 127 
GOL O3  HO3  sing N N 128 
HIS N   CA   sing N N 129 
HIS N   H    sing N N 130 
HIS N   H2   sing N N 131 
HIS CA  C    sing N N 132 
HIS CA  CB   sing N N 133 
HIS CA  HA   sing N N 134 
HIS C   O    doub N N 135 
HIS C   OXT  sing N N 136 
HIS CB  CG   sing N N 137 
HIS CB  HB2  sing N N 138 
HIS CB  HB3  sing N N 139 
HIS CG  ND1  sing Y N 140 
HIS CG  CD2  doub Y N 141 
HIS ND1 CE1  doub Y N 142 
HIS ND1 HD1  sing N N 143 
HIS CD2 NE2  sing Y N 144 
HIS CD2 HD2  sing N N 145 
HIS CE1 NE2  sing Y N 146 
HIS CE1 HE1  sing N N 147 
HIS NE2 HE2  sing N N 148 
HIS OXT HXT  sing N N 149 
HOH O   H1   sing N N 150 
HOH O   H2   sing N N 151 
ILE N   CA   sing N N 152 
ILE N   H    sing N N 153 
ILE N   H2   sing N N 154 
ILE CA  C    sing N N 155 
ILE CA  CB   sing N N 156 
ILE CA  HA   sing N N 157 
ILE C   O    doub N N 158 
ILE C   OXT  sing N N 159 
ILE CB  CG1  sing N N 160 
ILE CB  CG2  sing N N 161 
ILE CB  HB   sing N N 162 
ILE CG1 CD1  sing N N 163 
ILE CG1 HG12 sing N N 164 
ILE CG1 HG13 sing N N 165 
ILE CG2 HG21 sing N N 166 
ILE CG2 HG22 sing N N 167 
ILE CG2 HG23 sing N N 168 
ILE CD1 HD11 sing N N 169 
ILE CD1 HD12 sing N N 170 
ILE CD1 HD13 sing N N 171 
ILE OXT HXT  sing N N 172 
LEU N   CA   sing N N 173 
LEU N   H    sing N N 174 
LEU N   H2   sing N N 175 
LEU CA  C    sing N N 176 
LEU CA  CB   sing N N 177 
LEU CA  HA   sing N N 178 
LEU C   O    doub N N 179 
LEU C   OXT  sing N N 180 
LEU CB  CG   sing N N 181 
LEU CB  HB2  sing N N 182 
LEU CB  HB3  sing N N 183 
LEU CG  CD1  sing N N 184 
LEU CG  CD2  sing N N 185 
LEU CG  HG   sing N N 186 
LEU CD1 HD11 sing N N 187 
LEU CD1 HD12 sing N N 188 
LEU CD1 HD13 sing N N 189 
LEU CD2 HD21 sing N N 190 
LEU CD2 HD22 sing N N 191 
LEU CD2 HD23 sing N N 192 
LEU OXT HXT  sing N N 193 
LYS N   CA   sing N N 194 
LYS N   H    sing N N 195 
LYS N   H2   sing N N 196 
LYS CA  C    sing N N 197 
LYS CA  CB   sing N N 198 
LYS CA  HA   sing N N 199 
LYS C   O    doub N N 200 
LYS C   OXT  sing N N 201 
LYS CB  CG   sing N N 202 
LYS CB  HB2  sing N N 203 
LYS CB  HB3  sing N N 204 
LYS CG  CD   sing N N 205 
LYS CG  HG2  sing N N 206 
LYS CG  HG3  sing N N 207 
LYS CD  CE   sing N N 208 
LYS CD  HD2  sing N N 209 
LYS CD  HD3  sing N N 210 
LYS CE  NZ   sing N N 211 
LYS CE  HE2  sing N N 212 
LYS CE  HE3  sing N N 213 
LYS NZ  HZ1  sing N N 214 
LYS NZ  HZ2  sing N N 215 
LYS NZ  HZ3  sing N N 216 
LYS OXT HXT  sing N N 217 
PHE N   CA   sing N N 218 
PHE N   H    sing N N 219 
PHE N   H2   sing N N 220 
PHE CA  C    sing N N 221 
PHE CA  CB   sing N N 222 
PHE CA  HA   sing N N 223 
PHE C   O    doub N N 224 
PHE C   OXT  sing N N 225 
PHE CB  CG   sing N N 226 
PHE CB  HB2  sing N N 227 
PHE CB  HB3  sing N N 228 
PHE CG  CD1  doub Y N 229 
PHE CG  CD2  sing Y N 230 
PHE CD1 CE1  sing Y N 231 
PHE CD1 HD1  sing N N 232 
PHE CD2 CE2  doub Y N 233 
PHE CD2 HD2  sing N N 234 
PHE CE1 CZ   doub Y N 235 
PHE CE1 HE1  sing N N 236 
PHE CE2 CZ   sing Y N 237 
PHE CE2 HE2  sing N N 238 
PHE CZ  HZ   sing N N 239 
PHE OXT HXT  sing N N 240 
PRO N   CA   sing N N 241 
PRO N   CD   sing N N 242 
PRO N   H    sing N N 243 
PRO CA  C    sing N N 244 
PRO CA  CB   sing N N 245 
PRO CA  HA   sing N N 246 
PRO C   O    doub N N 247 
PRO C   OXT  sing N N 248 
PRO CB  CG   sing N N 249 
PRO CB  HB2  sing N N 250 
PRO CB  HB3  sing N N 251 
PRO CG  CD   sing N N 252 
PRO CG  HG2  sing N N 253 
PRO CG  HG3  sing N N 254 
PRO CD  HD2  sing N N 255 
PRO CD  HD3  sing N N 256 
PRO OXT HXT  sing N N 257 
SER N   CA   sing N N 258 
SER N   H    sing N N 259 
SER N   H2   sing N N 260 
SER CA  C    sing N N 261 
SER CA  CB   sing N N 262 
SER CA  HA   sing N N 263 
SER C   O    doub N N 264 
SER C   OXT  sing N N 265 
SER CB  OG   sing N N 266 
SER CB  HB2  sing N N 267 
SER CB  HB3  sing N N 268 
SER OG  HG   sing N N 269 
SER OXT HXT  sing N N 270 
THR N   CA   sing N N 271 
THR N   H    sing N N 272 
THR N   H2   sing N N 273 
THR CA  C    sing N N 274 
THR CA  CB   sing N N 275 
THR CA  HA   sing N N 276 
THR C   O    doub N N 277 
THR C   OXT  sing N N 278 
THR CB  OG1  sing N N 279 
THR CB  CG2  sing N N 280 
THR CB  HB   sing N N 281 
THR OG1 HG1  sing N N 282 
THR CG2 HG21 sing N N 283 
THR CG2 HG22 sing N N 284 
THR CG2 HG23 sing N N 285 
THR OXT HXT  sing N N 286 
VAL N   CA   sing N N 287 
VAL N   H    sing N N 288 
VAL N   H2   sing N N 289 
VAL CA  C    sing N N 290 
VAL CA  CB   sing N N 291 
VAL CA  HA   sing N N 292 
VAL C   O    doub N N 293 
VAL C   OXT  sing N N 294 
VAL CB  CG1  sing N N 295 
VAL CB  CG2  sing N N 296 
VAL CB  HB   sing N N 297 
VAL CG1 HG11 sing N N 298 
VAL CG1 HG12 sing N N 299 
VAL CG1 HG13 sing N N 300 
VAL CG2 HG21 sing N N 301 
VAL CG2 HG22 sing N N 302 
VAL CG2 HG23 sing N N 303 
VAL OXT HXT  sing N N 304 
# 
loop_
_pdbx_entity_nonpoly.entity_id 
_pdbx_entity_nonpoly.name 
_pdbx_entity_nonpoly.comp_id 
2 GLYCEROL GOL 
3 water    HOH 
# 
_pdbx_initial_refinement_model.id               1 
_pdbx_initial_refinement_model.entity_id_list   ? 
_pdbx_initial_refinement_model.type             'experimental model' 
_pdbx_initial_refinement_model.source_name      PDB 
_pdbx_initial_refinement_model.accession_code   2F5Z 
_pdbx_initial_refinement_model.details          'PDB ENTRY 2F5Z' 
# 
